data_1EBF
#
_entry.id   1EBF
#
_cell.length_a   80.396
_cell.length_b   80.396
_cell.length_c   250.165
_cell.angle_alpha   90.00
_cell.angle_beta   90.00
_cell.angle_gamma   90.00
#
_symmetry.space_group_name_H-M   'P 43 21 2'
#
loop_
_entity.id
_entity.type
_entity.pdbx_description
1 polymer 'HOMOSERINE DEHYDROGENASE'
2 non-polymer 'SODIUM ION'
3 non-polymer NICOTINAMIDE-ADENINE-DINUCLEOTIDE
4 water water
#
_entity_poly.entity_id   1
_entity_poly.type   'polypeptide(L)'
_entity_poly.pdbx_seq_one_letter_code
;STKVVNVAVIGAGVVGSAFLDQLLAMKSTITYNLVLLAEAERSLISKDFSPLNVGSDWKAALAASTTKTLPLDDLIAHLK
TSPKPVILVDNTSSAYIAGFYTKFVENGISIATPNKKAFSSDLATWKALFSNKPTNGFVYHEATVGAGLPIISFLREIIQ
TGDEVEKIEGIFSGTLSYIFNEFSTSQANDVKFSDVVKVAKKLGYTEPDPRDDLNGLDVARKVTIVGRISGVEVESPTSF
PVQSLIPKPLESVKSADEFLEKLSDYDKDLTQLKKEAATENKVLRFIGKVDVATKSVSVGIEKYDYSHPFASLKGSDNVI
SIKTKRYTNPVVIQGAGAGAAVTAAGVLGDVIKIAQRL
;
_entity_poly.pdbx_strand_id   A,B
#
loop_
_chem_comp.id
_chem_comp.type
_chem_comp.name
_chem_comp.formula
NA non-polymer 'SODIUM ION' 'Na 1'
NAD non-polymer NICOTINAMIDE-ADENINE-DINUCLEOTIDE 'C21 H27 N7 O14 P2'
#
# COMPACT_ATOMS: atom_id res chain seq x y z
N SER A 1 -9.54 -12.26 13.98
CA SER A 1 -10.04 -13.42 14.76
C SER A 1 -9.17 -13.63 16.01
N THR A 2 -9.57 -14.58 16.85
CA THR A 2 -8.90 -14.87 18.12
C THR A 2 -8.74 -13.54 18.87
N LYS A 3 -9.65 -13.27 19.78
CA LYS A 3 -9.62 -12.03 20.54
C LYS A 3 -8.44 -11.88 21.47
N VAL A 4 -7.62 -12.92 21.58
CA VAL A 4 -6.44 -12.89 22.45
C VAL A 4 -5.21 -13.48 21.77
N VAL A 5 -4.15 -12.69 21.61
CA VAL A 5 -2.92 -13.18 21.00
C VAL A 5 -1.75 -12.87 21.91
N ASN A 6 -0.76 -13.77 21.92
CA ASN A 6 0.43 -13.56 22.74
C ASN A 6 1.58 -13.08 21.84
N VAL A 7 2.19 -11.96 22.23
CA VAL A 7 3.29 -11.38 21.48
C VAL A 7 4.62 -11.64 22.19
N ALA A 8 5.59 -12.16 21.45
CA ALA A 8 6.93 -12.47 21.98
C ALA A 8 7.94 -11.61 21.24
N VAL A 9 8.41 -10.57 21.93
CA VAL A 9 9.34 -9.59 21.38
C VAL A 9 10.83 -9.87 21.59
N ILE A 10 11.60 -9.77 20.53
CA ILE A 10 13.03 -9.93 20.64
C ILE A 10 13.64 -8.68 20.02
N GLY A 11 14.32 -7.88 20.83
CA GLY A 11 14.90 -6.66 20.32
C GLY A 11 14.26 -5.46 20.98
N ALA A 12 15.11 -4.69 21.66
CA ALA A 12 14.68 -3.50 22.36
C ALA A 12 15.69 -2.37 22.07
N GLY A 13 16.05 -2.25 20.80
CA GLY A 13 16.97 -1.20 20.39
C GLY A 13 16.19 -0.01 19.84
N VAL A 14 16.81 0.69 18.89
CA VAL A 14 16.21 1.86 18.27
C VAL A 14 14.81 1.59 17.72
N VAL A 15 14.65 0.53 16.93
CA VAL A 15 13.34 0.21 16.38
C VAL A 15 12.50 -0.54 17.41
N GLY A 16 13.17 -1.47 18.10
CA GLY A 16 12.50 -2.27 19.11
C GLY A 16 11.79 -1.53 20.23
N SER A 17 12.43 -0.50 20.79
CA SER A 17 11.79 0.23 21.88
C SER A 17 10.64 1.10 21.44
N ALA A 18 10.68 1.60 20.21
CA ALA A 18 9.59 2.42 19.69
C ALA A 18 8.41 1.47 19.46
N PHE A 19 8.74 0.28 18.94
CA PHE A 19 7.74 -0.75 18.69
C PHE A 19 7.01 -1.09 19.97
N LEU A 20 7.78 -1.32 21.04
CA LEU A 20 7.22 -1.68 22.33
C LEU A 20 6.28 -0.60 22.84
N ASP A 21 6.71 0.67 22.72
CA ASP A 21 5.88 1.78 23.15
C ASP A 21 4.58 1.79 22.35
N GLN A 22 4.69 1.56 21.04
CA GLN A 22 3.51 1.54 20.20
C GLN A 22 2.61 0.33 20.52
N LEU A 23 3.21 -0.83 20.67
CA LEU A 23 2.44 -2.03 20.97
C LEU A 23 1.67 -1.88 22.30
N LEU A 24 2.37 -1.43 23.33
CA LEU A 24 1.78 -1.29 24.66
C LEU A 24 0.72 -0.19 24.82
N ALA A 25 0.69 0.76 23.89
CA ALA A 25 -0.29 1.85 23.95
C ALA A 25 -1.45 1.65 22.98
N MET A 26 -1.33 0.66 22.10
CA MET A 26 -2.35 0.38 21.10
C MET A 26 -3.67 -0.13 21.69
N LYS A 27 -4.77 0.51 21.29
CA LYS A 27 -6.11 0.14 21.76
C LYS A 27 -6.78 -0.70 20.67
N SER A 28 -7.27 -1.88 21.04
CA SER A 28 -7.92 -2.74 20.06
C SER A 28 -8.94 -3.69 20.68
N THR A 29 -9.81 -4.27 19.85
CA THR A 29 -10.80 -5.21 20.34
C THR A 29 -10.05 -6.53 20.57
N ILE A 30 -8.92 -6.67 19.89
CA ILE A 30 -8.07 -7.85 20.03
C ILE A 30 -7.09 -7.54 21.16
N THR A 31 -6.91 -8.51 22.06
CA THR A 31 -6.00 -8.36 23.18
C THR A 31 -4.65 -8.94 22.78
N TYR A 32 -3.62 -8.12 22.92
CA TYR A 32 -2.26 -8.51 22.59
C TYR A 32 -1.52 -8.62 23.92
N ASN A 33 -1.20 -9.84 24.34
CA ASN A 33 -0.47 -10.02 25.59
C ASN A 33 1.00 -10.20 25.32
N LEU A 34 1.82 -9.36 25.93
CA LEU A 34 3.27 -9.42 25.78
C LEU A 34 3.76 -10.51 26.72
N VAL A 35 4.37 -11.56 26.16
CA VAL A 35 4.86 -12.66 26.96
C VAL A 35 6.39 -12.83 26.95
N LEU A 36 7.06 -11.97 26.19
CA LEU A 36 8.51 -12.03 26.12
C LEU A 36 9.06 -10.68 25.71
N LEU A 37 10.12 -10.26 26.41
CA LEU A 37 10.80 -9.02 26.11
C LEU A 37 12.26 -9.41 26.29
N ALA A 38 12.87 -9.86 25.20
CA ALA A 38 14.24 -10.31 25.23
C ALA A 38 15.22 -9.36 24.57
N GLU A 39 16.37 -9.20 25.23
CA GLU A 39 17.46 -8.35 24.77
C GLU A 39 18.65 -9.34 24.70
N ALA A 40 19.81 -8.88 24.26
CA ALA A 40 20.98 -9.76 24.14
C ALA A 40 21.38 -10.38 25.48
N GLU A 41 21.41 -9.59 26.53
CA GLU A 41 21.79 -10.08 27.85
C GLU A 41 20.57 -10.52 28.67
N ARG A 42 19.81 -9.57 29.21
CA ARG A 42 18.63 -9.88 30.01
C ARG A 42 17.37 -10.16 29.17
N SER A 43 16.32 -10.64 29.85
CA SER A 43 15.09 -10.97 29.18
C SER A 43 13.91 -11.13 30.16
N LEU A 44 12.74 -10.64 29.76
CA LEU A 44 11.52 -10.77 30.55
C LEU A 44 10.77 -11.92 29.90
N ILE A 45 10.22 -12.82 30.70
CA ILE A 45 9.49 -13.95 30.16
C ILE A 45 8.36 -14.40 31.09
N SER A 46 7.20 -14.61 30.50
CA SER A 46 6.02 -15.04 31.25
C SER A 46 5.93 -16.55 31.14
N LYS A 47 6.30 -17.27 32.19
CA LYS A 47 6.24 -18.72 32.17
C LYS A 47 4.78 -19.11 32.11
N ASP A 48 3.97 -18.18 32.58
CA ASP A 48 2.52 -18.29 32.69
C ASP A 48 1.79 -18.04 31.36
N PHE A 49 2.31 -17.10 30.58
CA PHE A 49 1.73 -16.68 29.31
C PHE A 49 0.70 -15.62 29.63
N SER A 50 0.74 -15.14 30.86
CA SER A 50 -0.14 -14.07 31.28
C SER A 50 0.65 -12.82 30.90
N PRO A 51 -0.02 -11.68 30.66
CA PRO A 51 0.63 -10.43 30.29
C PRO A 51 1.72 -10.02 31.28
N LEU A 52 2.91 -9.67 30.77
CA LEU A 52 4.00 -9.23 31.63
C LEU A 52 3.53 -7.97 32.36
N ASN A 53 3.60 -7.99 33.68
CA ASN A 53 3.16 -6.88 34.51
C ASN A 53 4.16 -5.72 34.56
N VAL A 54 4.22 -4.97 33.47
CA VAL A 54 5.14 -3.85 33.34
C VAL A 54 4.45 -2.54 33.02
N GLY A 55 3.12 -2.50 33.08
CA GLY A 55 2.40 -1.28 32.75
C GLY A 55 2.92 -0.81 31.41
N SER A 56 3.53 0.36 31.39
CA SER A 56 4.08 0.88 30.15
C SER A 56 5.55 1.24 30.37
N ASP A 57 6.09 0.83 31.52
CA ASP A 57 7.50 1.08 31.81
C ASP A 57 8.26 -0.23 31.89
N TRP A 58 8.54 -0.78 30.72
CA TRP A 58 9.25 -2.05 30.57
C TRP A 58 10.75 -1.93 30.78
N LYS A 59 11.32 -0.74 30.52
CA LYS A 59 12.75 -0.53 30.66
C LYS A 59 13.31 -0.82 32.06
N ALA A 60 12.57 -0.42 33.09
CA ALA A 60 13.01 -0.64 34.47
C ALA A 60 12.90 -2.11 34.84
N ALA A 61 11.92 -2.80 34.26
CA ALA A 61 11.71 -4.23 34.51
C ALA A 61 12.82 -5.02 33.82
N LEU A 62 13.09 -4.67 32.56
CA LEU A 62 14.13 -5.33 31.78
C LEU A 62 15.50 -5.08 32.40
N ALA A 63 15.79 -3.81 32.71
CA ALA A 63 17.08 -3.47 33.32
C ALA A 63 17.32 -4.26 34.60
N ALA A 64 16.25 -4.44 35.38
CA ALA A 64 16.33 -5.16 36.65
C ALA A 64 16.26 -6.67 36.49
N SER A 65 16.37 -7.17 35.27
CA SER A 65 16.32 -8.61 35.11
C SER A 65 17.70 -9.23 34.98
N THR A 66 17.94 -10.30 35.75
CA THR A 66 19.22 -10.99 35.72
C THR A 66 19.06 -12.34 35.04
N THR A 67 17.88 -12.59 34.49
CA THR A 67 17.62 -13.85 33.80
C THR A 67 18.14 -13.76 32.36
N LYS A 68 19.08 -14.64 32.04
CA LYS A 68 19.69 -14.69 30.72
C LYS A 68 18.68 -15.08 29.64
N THR A 69 18.82 -14.46 28.48
CA THR A 69 17.95 -14.75 27.35
C THR A 69 18.12 -16.23 27.01
N LEU A 70 17.00 -16.92 26.77
CA LEU A 70 17.05 -18.36 26.46
C LEU A 70 17.57 -18.63 25.06
N PRO A 71 18.33 -19.73 24.88
CA PRO A 71 18.85 -20.06 23.55
C PRO A 71 17.57 -20.40 22.77
N LEU A 72 17.50 -20.02 21.50
CA LEU A 72 16.29 -20.24 20.71
C LEU A 72 15.64 -21.63 20.77
N ASP A 73 16.40 -22.71 20.86
CA ASP A 73 15.77 -24.04 20.97
C ASP A 73 14.93 -24.10 22.25
N ASP A 74 15.41 -23.43 23.31
CA ASP A 74 14.71 -23.41 24.57
C ASP A 74 13.52 -22.47 24.54
N LEU A 75 13.67 -21.34 23.86
CA LEU A 75 12.62 -20.35 23.71
C LEU A 75 11.40 -20.93 23.00
N ILE A 76 11.65 -21.69 21.95
CA ILE A 76 10.59 -22.30 21.17
C ILE A 76 9.94 -23.46 21.90
N ALA A 77 10.74 -24.26 22.59
CA ALA A 77 10.20 -25.39 23.33
C ALA A 77 9.19 -24.83 24.33
N HIS A 78 9.42 -23.59 24.74
CA HIS A 78 8.52 -22.94 25.71
C HIS A 78 7.33 -22.27 25.01
N LEU A 79 7.61 -21.43 24.02
CA LEU A 79 6.54 -20.71 23.33
C LEU A 79 5.50 -21.58 22.66
N LYS A 80 5.93 -22.73 22.15
CA LYS A 80 5.06 -23.68 21.47
C LYS A 80 3.93 -24.17 22.37
N THR A 81 4.09 -24.02 23.68
CA THR A 81 3.05 -24.49 24.59
C THR A 81 1.99 -23.44 24.92
N SER A 82 2.15 -22.23 24.38
CA SER A 82 1.18 -21.16 24.62
C SER A 82 -0.26 -21.58 24.26
N PRO A 83 -1.23 -21.28 25.15
CA PRO A 83 -2.64 -21.62 24.96
C PRO A 83 -3.35 -20.72 23.95
N LYS A 84 -2.64 -19.73 23.44
CA LYS A 84 -3.19 -18.79 22.46
C LYS A 84 -2.13 -18.65 21.36
N PRO A 85 -2.53 -18.29 20.14
CA PRO A 85 -1.57 -18.12 19.04
C PRO A 85 -0.44 -17.20 19.49
N VAL A 86 0.78 -17.50 19.06
CA VAL A 86 1.95 -16.69 19.42
C VAL A 86 2.52 -15.99 18.21
N ILE A 87 2.95 -14.75 18.40
CA ILE A 87 3.56 -13.98 17.32
C ILE A 87 4.93 -13.51 17.77
N LEU A 88 5.96 -13.99 17.08
CA LEU A 88 7.33 -13.59 17.41
C LEU A 88 7.64 -12.31 16.66
N VAL A 89 8.05 -11.28 17.38
CA VAL A 89 8.41 -10.03 16.76
C VAL A 89 9.92 -9.93 16.89
N ASP A 90 10.62 -10.16 15.77
CA ASP A 90 12.08 -10.12 15.78
C ASP A 90 12.61 -8.76 15.37
N ASN A 91 12.86 -7.89 16.35
CA ASN A 91 13.36 -6.56 16.05
C ASN A 91 14.89 -6.46 16.17
N THR A 92 15.58 -7.31 15.40
CA THR A 92 17.05 -7.33 15.38
C THR A 92 17.46 -7.58 13.94
N SER A 93 18.76 -7.66 13.70
CA SER A 93 19.27 -7.95 12.37
C SER A 93 20.12 -9.20 12.55
N SER A 94 19.69 -10.05 13.49
CA SER A 94 20.41 -11.28 13.84
C SER A 94 20.35 -12.47 12.89
N ALA A 95 21.52 -12.92 12.47
CA ALA A 95 21.60 -14.08 11.59
C ALA A 95 21.17 -15.27 12.44
N TYR A 96 21.62 -15.29 13.68
CA TYR A 96 21.30 -16.34 14.64
C TYR A 96 19.77 -16.55 14.74
N ILE A 97 19.02 -15.48 15.05
CA ILE A 97 17.58 -15.57 15.14
C ILE A 97 16.99 -16.02 13.80
N ALA A 98 17.34 -15.29 12.75
CA ALA A 98 16.86 -15.62 11.40
C ALA A 98 17.06 -17.12 11.12
N GLY A 99 18.19 -17.64 11.57
CA GLY A 99 18.47 -19.05 11.36
C GLY A 99 17.46 -19.95 12.04
N PHE A 100 16.65 -19.39 12.94
CA PHE A 100 15.65 -20.20 13.63
C PHE A 100 14.22 -20.05 13.12
N TYR A 101 14.02 -19.12 12.18
CA TYR A 101 12.67 -18.88 11.66
C TYR A 101 11.90 -20.16 11.35
N THR A 102 12.44 -20.97 10.44
CA THR A 102 11.82 -22.21 10.04
C THR A 102 11.33 -23.05 11.23
N LYS A 103 12.13 -23.13 12.29
CA LYS A 103 11.72 -23.89 13.46
C LYS A 103 10.58 -23.15 14.18
N PHE A 104 10.58 -21.82 14.15
CA PHE A 104 9.47 -21.10 14.80
C PHE A 104 8.20 -21.46 14.05
N VAL A 105 8.24 -21.26 12.75
CA VAL A 105 7.11 -21.52 11.86
C VAL A 105 6.60 -22.95 12.02
N GLU A 106 7.52 -23.90 12.00
CA GLU A 106 7.16 -25.29 12.13
C GLU A 106 6.51 -25.61 13.49
N ASN A 107 6.71 -24.73 14.47
CA ASN A 107 6.13 -24.94 15.80
C ASN A 107 4.85 -24.09 15.94
N GLY A 108 4.34 -23.64 14.79
CA GLY A 108 3.11 -22.87 14.77
C GLY A 108 3.17 -21.48 15.32
N ILE A 109 4.37 -20.89 15.33
CA ILE A 109 4.56 -19.54 15.84
C ILE A 109 4.77 -18.60 14.66
N SER A 110 3.95 -17.57 14.55
CA SER A 110 4.06 -16.59 13.48
C SER A 110 5.17 -15.57 13.76
N ILE A 111 5.61 -14.86 12.73
CA ILE A 111 6.69 -13.89 12.85
C ILE A 111 6.40 -12.56 12.15
N ALA A 112 6.69 -11.46 12.84
CA ALA A 112 6.54 -10.12 12.29
C ALA A 112 7.95 -9.55 12.50
N THR A 113 8.57 -9.02 11.44
CA THR A 113 9.94 -8.54 11.58
C THR A 113 10.47 -7.64 10.47
N PRO A 114 11.52 -6.85 10.79
CA PRO A 114 12.21 -5.93 9.87
C PRO A 114 13.59 -6.52 9.56
N ASN A 115 13.86 -7.69 10.14
CA ASN A 115 15.13 -8.39 9.96
C ASN A 115 15.18 -8.96 8.54
N LYS A 116 16.11 -8.46 7.72
CA LYS A 116 16.22 -8.93 6.34
C LYS A 116 16.87 -10.29 6.15
N LYS A 117 17.65 -10.73 7.14
CA LYS A 117 18.37 -11.99 7.06
C LYS A 117 17.69 -13.20 6.45
N ALA A 118 16.69 -13.74 7.15
CA ALA A 118 16.00 -14.95 6.68
C ALA A 118 15.35 -14.84 5.34
N PHE A 119 15.07 -13.61 4.91
CA PHE A 119 14.43 -13.39 3.61
C PHE A 119 15.46 -13.13 2.50
N SER A 120 16.73 -13.00 2.88
CA SER A 120 17.76 -12.78 1.88
C SER A 120 18.93 -13.76 1.96
N SER A 121 18.64 -14.99 2.36
CA SER A 121 19.66 -16.02 2.43
C SER A 121 19.28 -17.17 1.49
N ASP A 122 19.33 -18.40 1.99
CA ASP A 122 18.99 -19.58 1.21
C ASP A 122 17.68 -19.42 0.47
N LEU A 123 17.57 -20.03 -0.69
CA LEU A 123 16.35 -19.97 -1.47
C LEU A 123 15.37 -20.99 -0.90
N ALA A 124 15.89 -22.04 -0.27
CA ALA A 124 15.03 -23.06 0.33
C ALA A 124 14.43 -22.51 1.62
N THR A 125 15.20 -21.68 2.32
CA THR A 125 14.74 -21.07 3.56
C THR A 125 13.51 -20.23 3.22
N TRP A 126 13.66 -19.43 2.16
CA TRP A 126 12.61 -18.55 1.68
C TRP A 126 11.32 -19.33 1.41
N LYS A 127 11.43 -20.41 0.66
CA LYS A 127 10.26 -21.22 0.34
C LYS A 127 9.64 -21.86 1.58
N ALA A 128 10.48 -22.22 2.54
CA ALA A 128 9.96 -22.83 3.75
C ALA A 128 9.14 -21.83 4.56
N LEU A 129 9.58 -20.57 4.56
CA LEU A 129 8.89 -19.52 5.29
C LEU A 129 7.51 -19.18 4.74
N PHE A 130 7.34 -19.31 3.42
CA PHE A 130 6.06 -18.99 2.81
C PHE A 130 5.27 -20.18 2.29
N SER A 131 5.52 -21.34 2.88
CA SER A 131 4.83 -22.57 2.49
C SER A 131 3.37 -22.55 2.96
N ASN A 132 3.16 -21.99 4.14
CA ASN A 132 1.84 -21.90 4.76
C ASN A 132 1.16 -23.25 4.97
N LYS A 133 1.95 -24.25 5.34
CA LYS A 133 1.39 -25.57 5.63
C LYS A 133 0.41 -25.39 6.78
N PRO A 134 -0.56 -26.29 6.93
CA PRO A 134 -1.53 -26.15 8.02
C PRO A 134 -0.89 -25.95 9.41
N THR A 135 -1.51 -25.06 10.19
CA THR A 135 -1.11 -24.71 11.55
C THR A 135 0.20 -23.96 11.71
N ASN A 136 1.05 -23.97 10.68
CA ASN A 136 2.33 -23.28 10.79
C ASN A 136 2.14 -21.77 10.90
N GLY A 137 3.09 -21.11 11.55
CA GLY A 137 3.02 -19.66 11.72
C GLY A 137 3.13 -18.88 10.42
N PHE A 138 2.51 -17.71 10.40
CA PHE A 138 2.55 -16.85 9.21
C PHE A 138 3.73 -15.90 9.39
N VAL A 139 4.46 -15.65 8.31
CA VAL A 139 5.63 -14.80 8.35
C VAL A 139 5.40 -13.48 7.60
N TYR A 140 5.48 -12.36 8.32
CA TYR A 140 5.30 -11.05 7.71
C TYR A 140 6.58 -10.24 7.84
N HIS A 141 6.99 -9.60 6.75
CA HIS A 141 8.23 -8.85 6.77
C HIS A 141 8.15 -7.52 6.02
N GLU A 142 7.04 -6.82 6.21
CA GLU A 142 6.81 -5.53 5.57
C GLU A 142 7.98 -4.56 5.70
N ALA A 143 8.48 -4.40 6.92
CA ALA A 143 9.57 -3.47 7.19
C ALA A 143 10.95 -3.84 6.65
N THR A 144 11.07 -4.99 5.98
CA THR A 144 12.36 -5.40 5.42
C THR A 144 12.75 -4.53 4.23
N VAL A 145 11.77 -3.96 3.53
CA VAL A 145 12.06 -3.09 2.40
C VAL A 145 11.04 -1.93 2.31
N GLY A 146 11.51 -0.73 2.61
CA GLY A 146 10.66 0.43 2.58
C GLY A 146 10.06 0.79 3.94
N ALA A 147 10.64 0.25 5.01
CA ALA A 147 10.16 0.53 6.35
C ALA A 147 8.64 0.29 6.46
N GLY A 148 7.87 1.34 6.76
CA GLY A 148 6.44 1.17 6.88
C GLY A 148 5.56 1.49 5.68
N LEU A 149 6.16 1.66 4.50
CA LEU A 149 5.38 1.96 3.31
C LEU A 149 4.64 0.69 2.90
N PRO A 150 3.46 0.82 2.29
CA PRO A 150 2.70 -0.35 1.87
C PRO A 150 3.25 -0.87 0.55
N ILE A 151 4.29 -1.68 0.63
CA ILE A 151 4.94 -2.22 -0.56
C ILE A 151 4.80 -3.73 -0.74
N ILE A 152 5.35 -4.48 0.21
CA ILE A 152 5.31 -5.92 0.14
C ILE A 152 3.89 -6.48 0.23
N SER A 153 3.08 -5.95 1.13
CA SER A 153 1.70 -6.39 1.25
C SER A 153 0.99 -6.11 -0.08
N PHE A 154 1.26 -4.96 -0.68
CA PHE A 154 0.62 -4.62 -1.95
C PHE A 154 1.04 -5.61 -3.06
N LEU A 155 2.33 -5.94 -3.12
CA LEU A 155 2.83 -6.88 -4.12
C LEU A 155 2.19 -8.25 -3.91
N ARG A 156 2.23 -8.74 -2.69
CA ARG A 156 1.65 -10.05 -2.40
C ARG A 156 0.15 -10.10 -2.71
N GLU A 157 -0.57 -9.03 -2.41
CA GLU A 157 -2.01 -9.00 -2.67
C GLU A 157 -2.25 -9.10 -4.18
N ILE A 158 -1.56 -8.24 -4.91
CA ILE A 158 -1.63 -8.16 -6.36
C ILE A 158 -1.35 -9.53 -6.99
N ILE A 159 -0.22 -10.15 -6.65
CA ILE A 159 0.15 -11.46 -7.18
C ILE A 159 -0.93 -12.50 -6.84
N GLN A 160 -1.50 -12.45 -5.64
CA GLN A 160 -2.54 -13.40 -5.27
C GLN A 160 -3.76 -13.35 -6.19
N THR A 161 -4.17 -12.13 -6.57
CA THR A 161 -5.33 -11.96 -7.44
C THR A 161 -5.05 -12.35 -8.89
N GLY A 162 -3.78 -12.60 -9.22
CA GLY A 162 -3.44 -12.98 -10.58
C GLY A 162 -2.59 -12.00 -11.36
N ASP A 163 -2.25 -10.87 -10.76
CA ASP A 163 -1.43 -9.90 -11.47
C ASP A 163 0.00 -10.44 -11.55
N GLU A 164 0.78 -9.94 -12.49
CA GLU A 164 2.14 -10.41 -12.63
C GLU A 164 3.12 -9.27 -12.76
N VAL A 165 4.13 -9.29 -11.90
CA VAL A 165 5.16 -8.27 -11.90
C VAL A 165 6.03 -8.46 -13.13
N GLU A 166 6.42 -7.34 -13.73
CA GLU A 166 7.25 -7.34 -14.91
C GLU A 166 8.52 -6.55 -14.66
N LYS A 167 8.38 -5.38 -14.07
CA LYS A 167 9.54 -4.55 -13.79
C LYS A 167 9.40 -3.72 -12.52
N ILE A 168 10.47 -3.68 -11.76
CA ILE A 168 10.50 -2.90 -10.54
C ILE A 168 11.84 -2.21 -10.45
N GLU A 169 11.85 -1.00 -9.92
CA GLU A 169 13.08 -0.26 -9.71
C GLU A 169 12.80 0.66 -8.55
N GLY A 170 13.82 0.92 -7.75
CA GLY A 170 13.62 1.80 -6.62
C GLY A 170 14.88 2.15 -5.86
N ILE A 171 14.72 3.10 -4.93
CA ILE A 171 15.77 3.60 -4.05
C ILE A 171 15.37 3.05 -2.69
N PHE A 172 16.02 1.97 -2.27
CA PHE A 172 15.68 1.33 -1.01
C PHE A 172 16.61 1.64 0.16
N SER A 173 17.47 2.64 -0.02
CA SER A 173 18.39 3.05 1.02
C SER A 173 18.22 4.52 1.38
N GLY A 174 17.81 4.79 2.62
CA GLY A 174 17.62 6.16 3.04
C GLY A 174 18.93 6.95 3.07
N THR A 175 20.03 6.28 3.40
CA THR A 175 21.33 6.93 3.47
C THR A 175 21.86 7.25 2.06
N LEU A 176 21.70 6.32 1.13
CA LEU A 176 22.17 6.50 -0.24
C LEU A 176 21.29 7.48 -1.03
N SER A 177 20.01 7.52 -0.68
CA SER A 177 19.07 8.43 -1.33
C SER A 177 19.45 9.85 -0.90
N TYR A 178 19.74 10.01 0.38
CA TYR A 178 20.12 11.31 0.91
C TYR A 178 21.37 11.81 0.21
N ILE A 179 22.41 10.98 0.23
CA ILE A 179 23.69 11.30 -0.39
C ILE A 179 23.54 11.73 -1.85
N PHE A 180 22.83 10.94 -2.64
CA PHE A 180 22.64 11.29 -4.05
C PHE A 180 21.73 12.47 -4.29
N ASN A 181 20.71 12.65 -3.47
CA ASN A 181 19.81 13.78 -3.65
C ASN A 181 20.60 15.06 -3.42
N GLU A 182 21.68 14.94 -2.63
CA GLU A 182 22.55 16.07 -2.31
C GLU A 182 23.67 16.17 -3.35
N PHE A 183 24.29 15.04 -3.65
CA PHE A 183 25.39 14.95 -4.60
C PHE A 183 25.02 15.20 -6.05
N SER A 184 23.80 14.87 -6.43
CA SER A 184 23.38 15.05 -7.82
C SER A 184 22.00 15.66 -7.92
N THR A 185 21.95 16.93 -8.33
CA THR A 185 20.70 17.65 -8.49
C THR A 185 20.50 18.09 -9.93
N SER A 186 19.39 18.80 -10.19
CA SER A 186 19.09 19.30 -11.52
C SER A 186 20.08 20.42 -11.79
N GLN A 187 20.13 21.37 -10.86
CA GLN A 187 21.06 22.49 -10.96
C GLN A 187 22.46 21.92 -11.02
N ALA A 188 23.30 22.48 -11.87
CA ALA A 188 24.66 22.00 -11.94
C ALA A 188 25.35 22.54 -10.69
N ASN A 189 26.08 21.68 -9.99
CA ASN A 189 26.80 22.08 -8.78
C ASN A 189 28.07 21.25 -8.70
N ASP A 190 29.13 21.82 -8.12
CA ASP A 190 30.37 21.06 -8.03
C ASP A 190 30.60 20.45 -6.65
N VAL A 191 29.54 19.92 -6.05
CA VAL A 191 29.65 19.29 -4.74
C VAL A 191 30.36 17.94 -4.90
N LYS A 192 31.26 17.62 -3.98
CA LYS A 192 32.01 16.37 -4.03
C LYS A 192 31.32 15.24 -3.27
N PHE A 193 31.47 14.03 -3.78
CA PHE A 193 30.87 12.86 -3.16
C PHE A 193 31.37 12.66 -1.73
N SER A 194 32.67 12.84 -1.54
CA SER A 194 33.27 12.67 -0.21
C SER A 194 32.71 13.65 0.81
N ASP A 195 32.45 14.88 0.36
CA ASP A 195 31.89 15.90 1.25
C ASP A 195 30.49 15.50 1.69
N VAL A 196 29.65 15.11 0.74
CA VAL A 196 28.29 14.70 1.06
C VAL A 196 28.34 13.54 2.06
N VAL A 197 29.14 12.52 1.77
CA VAL A 197 29.26 11.38 2.65
C VAL A 197 29.58 11.76 4.10
N LYS A 198 30.71 12.41 4.33
CA LYS A 198 31.06 12.78 5.70
C LYS A 198 30.04 13.74 6.30
N VAL A 199 29.36 14.50 5.46
CA VAL A 199 28.33 15.42 5.95
C VAL A 199 27.17 14.55 6.45
N ALA A 200 26.81 13.55 5.65
CA ALA A 200 25.73 12.64 6.02
C ALA A 200 26.11 11.96 7.34
N LYS A 201 27.37 11.54 7.44
CA LYS A 201 27.84 10.89 8.66
C LYS A 201 27.69 11.79 9.88
N LYS A 202 28.09 13.06 9.74
CA LYS A 202 28.01 14.00 10.84
C LYS A 202 26.56 14.27 11.29
N LEU A 203 25.66 14.40 10.31
CA LEU A 203 24.26 14.64 10.60
C LEU A 203 23.62 13.38 11.16
N GLY A 204 24.32 12.25 11.00
CA GLY A 204 23.82 10.99 11.52
C GLY A 204 22.87 10.23 10.62
N TYR A 205 23.01 10.40 9.31
CA TYR A 205 22.16 9.72 8.35
C TYR A 205 22.90 8.50 7.84
N THR A 206 23.97 8.16 8.54
CA THR A 206 24.83 7.04 8.19
C THR A 206 25.00 6.05 9.34
N GLU A 207 25.37 4.81 9.01
CA GLU A 207 25.63 3.83 10.06
C GLU A 207 26.93 4.34 10.67
N PRO A 208 27.21 4.02 11.94
CA PRO A 208 28.44 4.47 12.59
C PRO A 208 29.65 4.53 11.63
N ASP A 209 29.73 3.54 10.75
CA ASP A 209 30.78 3.47 9.73
C ASP A 209 30.06 3.53 8.39
N PRO A 210 30.20 4.64 7.66
CA PRO A 210 29.54 4.83 6.36
C PRO A 210 29.71 3.69 5.36
N ARG A 211 30.76 2.89 5.51
CA ARG A 211 31.00 1.78 4.60
C ARG A 211 29.90 0.74 4.62
N ASP A 212 29.13 0.68 5.70
CA ASP A 212 28.05 -0.27 5.78
C ASP A 212 26.85 0.18 4.94
N ASP A 213 26.93 1.40 4.42
CA ASP A 213 25.87 1.95 3.57
C ASP A 213 26.33 1.96 2.12
N LEU A 214 27.58 2.38 1.91
CA LEU A 214 28.14 2.48 0.57
C LEU A 214 28.41 1.16 -0.14
N ASN A 215 28.52 0.06 0.59
CA ASN A 215 28.82 -1.22 -0.05
C ASN A 215 27.65 -1.81 -0.84
N GLY A 216 26.45 -1.29 -0.62
CA GLY A 216 25.30 -1.78 -1.35
C GLY A 216 24.68 -3.09 -0.87
N LEU A 217 25.29 -3.74 0.11
CA LEU A 217 24.74 -5.00 0.62
C LEU A 217 23.32 -4.83 1.13
N ASP A 218 23.05 -3.71 1.80
CA ASP A 218 21.72 -3.44 2.32
C ASP A 218 20.71 -3.39 1.19
N VAL A 219 21.02 -2.62 0.15
CA VAL A 219 20.13 -2.50 -1.01
C VAL A 219 20.05 -3.83 -1.74
N ALA A 220 21.14 -4.58 -1.74
CA ALA A 220 21.18 -5.88 -2.42
C ALA A 220 20.28 -6.90 -1.71
N ARG A 221 20.20 -6.84 -0.38
CA ARG A 221 19.35 -7.78 0.33
C ARG A 221 17.87 -7.48 0.07
N LYS A 222 17.54 -6.18 -0.06
CA LYS A 222 16.17 -5.74 -0.29
C LYS A 222 15.66 -6.07 -1.68
N VAL A 223 16.56 -6.04 -2.67
CA VAL A 223 16.18 -6.36 -4.03
C VAL A 223 16.08 -7.89 -4.15
N THR A 224 16.85 -8.60 -3.32
CA THR A 224 16.80 -10.06 -3.34
C THR A 224 15.39 -10.46 -2.92
N ILE A 225 14.88 -9.73 -1.92
CA ILE A 225 13.56 -9.96 -1.37
C ILE A 225 12.46 -9.61 -2.37
N VAL A 226 12.57 -8.43 -2.96
CA VAL A 226 11.57 -7.96 -3.92
C VAL A 226 11.60 -8.82 -5.18
N GLY A 227 12.80 -9.25 -5.57
CA GLY A 227 12.91 -10.09 -6.74
C GLY A 227 12.23 -11.43 -6.53
N ARG A 228 12.42 -12.01 -5.36
CA ARG A 228 11.82 -13.31 -5.08
C ARG A 228 10.30 -13.19 -4.98
N ILE A 229 9.82 -12.04 -4.52
CA ILE A 229 8.38 -11.82 -4.43
C ILE A 229 7.86 -11.77 -5.85
N SER A 230 8.61 -11.09 -6.73
CA SER A 230 8.25 -10.96 -8.14
C SER A 230 8.36 -12.27 -8.92
N GLY A 231 8.81 -13.33 -8.25
CA GLY A 231 8.95 -14.61 -8.92
C GLY A 231 10.30 -14.85 -9.58
N VAL A 232 11.31 -14.06 -9.23
CA VAL A 232 12.63 -14.28 -9.80
C VAL A 232 13.40 -15.00 -8.70
N GLU A 233 13.79 -16.24 -8.98
CA GLU A 233 14.49 -17.06 -8.00
C GLU A 233 15.93 -16.65 -7.74
N VAL A 234 16.11 -15.45 -7.23
CA VAL A 234 17.44 -14.93 -6.90
C VAL A 234 18.12 -15.86 -5.90
N GLU A 235 19.32 -16.30 -6.24
CA GLU A 235 20.08 -17.21 -5.39
C GLU A 235 20.50 -16.55 -4.07
N SER A 236 21.14 -15.39 -4.16
CA SER A 236 21.58 -14.70 -2.95
C SER A 236 21.90 -13.23 -3.21
N PRO A 237 22.09 -12.45 -2.14
CA PRO A 237 22.40 -11.03 -2.19
C PRO A 237 23.67 -10.75 -3.01
N THR A 238 24.40 -11.81 -3.37
CA THR A 238 25.63 -11.65 -4.14
C THR A 238 25.67 -12.50 -5.40
N SER A 239 24.52 -12.95 -5.89
CA SER A 239 24.48 -13.79 -7.08
C SER A 239 24.13 -12.98 -8.33
N PHE A 240 24.07 -11.66 -8.18
CA PHE A 240 23.74 -10.79 -9.29
C PHE A 240 24.65 -9.57 -9.19
N PRO A 241 24.62 -8.69 -10.20
CA PRO A 241 25.49 -7.50 -10.13
C PRO A 241 25.07 -6.49 -9.07
N VAL A 242 26.01 -6.16 -8.18
CA VAL A 242 25.78 -5.20 -7.12
C VAL A 242 26.94 -4.21 -7.14
N GLN A 243 26.70 -3.00 -7.61
CA GLN A 243 27.75 -1.98 -7.67
C GLN A 243 28.05 -1.33 -6.33
N SER A 244 29.23 -1.60 -5.78
CA SER A 244 29.63 -1.02 -4.51
C SER A 244 30.23 0.37 -4.68
N LEU A 245 29.89 1.27 -3.77
CA LEU A 245 30.40 2.64 -3.82
C LEU A 245 31.72 2.76 -3.05
N ILE A 246 32.16 1.65 -2.45
CA ILE A 246 33.43 1.63 -1.72
C ILE A 246 34.54 1.58 -2.78
N PRO A 247 35.34 2.66 -2.88
CA PRO A 247 36.44 2.78 -3.84
C PRO A 247 37.34 1.54 -3.98
N LYS A 248 37.16 0.86 -5.11
CA LYS A 248 37.90 -0.35 -5.52
C LYS A 248 38.74 -1.07 -4.43
N PRO A 249 39.76 -1.87 -4.84
CA PRO A 249 40.57 -2.56 -3.83
C PRO A 249 41.13 -1.76 -2.65
N LEU A 250 40.88 -0.45 -2.62
CA LEU A 250 41.33 0.35 -1.50
C LEU A 250 40.22 0.21 -0.45
N GLU A 251 39.52 -0.92 -0.55
CA GLU A 251 38.42 -1.25 0.33
C GLU A 251 38.88 -1.99 1.58
N SER A 252 38.77 -3.32 1.56
CA SER A 252 39.18 -4.16 2.69
C SER A 252 40.67 -3.99 2.98
N VAL A 253 41.13 -2.75 2.98
CA VAL A 253 42.52 -2.44 3.25
C VAL A 253 42.57 -1.47 4.43
N LYS A 254 41.62 -0.55 4.48
CA LYS A 254 41.56 0.45 5.54
C LYS A 254 40.81 0.02 6.81
N SER A 255 40.61 0.98 7.71
CA SER A 255 39.92 0.74 8.98
C SER A 255 39.15 1.95 9.51
N ALA A 256 37.85 1.99 9.23
CA ALA A 256 36.96 3.04 9.69
C ALA A 256 37.39 4.47 9.36
N ASP A 257 37.76 5.23 10.40
CA ASP A 257 38.17 6.62 10.25
C ASP A 257 39.19 6.85 9.15
N GLU A 258 39.92 5.79 8.80
CA GLU A 258 40.93 5.88 7.75
C GLU A 258 40.22 5.97 6.40
N PHE A 259 39.23 5.11 6.21
CA PHE A 259 38.44 5.07 4.98
C PHE A 259 37.92 6.44 4.60
N LEU A 260 37.27 7.12 5.55
CA LEU A 260 36.70 8.44 5.34
C LEU A 260 37.66 9.46 4.75
N GLU A 261 38.71 9.78 5.50
CA GLU A 261 39.70 10.76 5.03
C GLU A 261 40.36 10.29 3.74
N LYS A 262 40.41 8.98 3.54
CA LYS A 262 41.01 8.42 2.34
C LYS A 262 40.06 8.45 1.14
N LEU A 263 38.77 8.55 1.41
CA LEU A 263 37.74 8.58 0.36
C LEU A 263 37.84 9.76 -0.61
N SER A 264 38.05 10.96 -0.07
CA SER A 264 38.13 12.16 -0.90
C SER A 264 39.08 12.01 -2.09
N ASP A 265 40.00 11.06 -2.01
CA ASP A 265 40.97 10.81 -3.06
C ASP A 265 40.36 10.24 -4.35
N TYR A 266 39.03 10.04 -4.35
CA TYR A 266 38.39 9.47 -5.54
C TYR A 266 37.19 10.22 -6.12
N ASP A 267 36.88 11.40 -5.59
CA ASP A 267 35.74 12.15 -6.12
C ASP A 267 35.84 12.41 -7.61
N LYS A 268 37.02 12.15 -8.18
CA LYS A 268 37.25 12.35 -9.61
C LYS A 268 36.18 11.68 -10.47
N ASP A 269 36.20 10.36 -10.46
CA ASP A 269 35.27 9.55 -11.24
C ASP A 269 33.80 9.94 -11.13
N LEU A 270 33.27 9.99 -9.91
CA LEU A 270 31.87 10.34 -9.72
C LEU A 270 31.59 11.77 -10.19
N THR A 271 32.56 12.66 -10.01
CA THR A 271 32.41 14.05 -10.44
C THR A 271 32.23 14.09 -11.96
N GLN A 272 33.04 13.29 -12.66
CA GLN A 272 32.99 13.23 -14.12
C GLN A 272 31.80 12.41 -14.62
N LEU A 273 31.37 11.42 -13.83
CA LEU A 273 30.22 10.61 -14.23
C LEU A 273 28.97 11.47 -14.09
N LYS A 274 28.92 12.25 -13.02
CA LYS A 274 27.80 13.16 -12.76
C LYS A 274 27.74 14.23 -13.84
N LYS A 275 28.91 14.64 -14.31
CA LYS A 275 29.02 15.67 -15.35
C LYS A 275 28.44 15.17 -16.67
N GLU A 276 28.76 13.93 -17.03
CA GLU A 276 28.26 13.34 -18.27
C GLU A 276 26.75 13.20 -18.21
N ALA A 277 26.23 13.02 -17.00
CA ALA A 277 24.79 12.89 -16.81
C ALA A 277 24.16 14.28 -16.89
N ALA A 278 24.90 15.28 -16.43
CA ALA A 278 24.43 16.66 -16.47
C ALA A 278 24.48 17.14 -17.93
N THR A 279 25.08 16.33 -18.78
CA THR A 279 25.19 16.63 -20.21
C THR A 279 23.95 16.10 -20.89
N GLU A 280 23.56 14.90 -20.50
CA GLU A 280 22.39 14.23 -21.06
C GLU A 280 21.12 14.68 -20.31
N ASN A 281 21.27 15.74 -19.50
CA ASN A 281 20.17 16.28 -18.73
C ASN A 281 19.54 15.28 -17.76
N LYS A 282 20.39 14.44 -17.18
CA LYS A 282 19.95 13.44 -16.22
C LYS A 282 20.70 13.63 -14.90
N VAL A 283 20.27 12.89 -13.88
CA VAL A 283 20.89 12.97 -12.56
C VAL A 283 21.23 11.55 -12.12
N LEU A 284 22.18 11.41 -11.19
CA LEU A 284 22.57 10.07 -10.72
C LEU A 284 21.81 9.65 -9.45
N ARG A 285 21.35 8.40 -9.44
CA ARG A 285 20.63 7.84 -8.29
C ARG A 285 21.08 6.40 -8.08
N PHE A 286 21.01 5.94 -6.84
CA PHE A 286 21.43 4.58 -6.51
C PHE A 286 20.18 3.71 -6.42
N ILE A 287 20.02 2.79 -7.36
CA ILE A 287 18.82 1.96 -7.38
C ILE A 287 18.96 0.46 -7.29
N GLY A 288 17.81 -0.18 -7.05
CA GLY A 288 17.70 -1.62 -6.98
C GLY A 288 16.78 -1.91 -8.16
N LYS A 289 17.08 -2.92 -8.96
CA LYS A 289 16.27 -3.19 -10.14
C LYS A 289 15.90 -4.65 -10.36
N VAL A 290 14.69 -4.87 -10.86
CA VAL A 290 14.21 -6.21 -11.14
C VAL A 290 13.55 -6.26 -12.50
N ASP A 291 13.87 -7.30 -13.27
CA ASP A 291 13.29 -7.50 -14.58
C ASP A 291 12.91 -8.98 -14.63
N VAL A 292 11.63 -9.28 -14.50
CA VAL A 292 11.21 -10.67 -14.49
C VAL A 292 11.32 -11.36 -15.86
N ALA A 293 11.07 -10.60 -16.93
CA ALA A 293 11.16 -11.20 -18.25
C ALA A 293 12.56 -11.78 -18.44
N THR A 294 13.58 -10.98 -18.13
CA THR A 294 14.97 -11.42 -18.27
C THR A 294 15.53 -12.08 -17.00
N LYS A 295 14.72 -12.20 -15.97
CA LYS A 295 15.17 -12.80 -14.71
C LYS A 295 16.50 -12.17 -14.29
N SER A 296 16.59 -10.86 -14.52
CA SER A 296 17.79 -10.11 -14.19
C SER A 296 17.55 -9.10 -13.06
N VAL A 297 18.33 -9.25 -11.98
CA VAL A 297 18.25 -8.38 -10.81
C VAL A 297 19.57 -7.63 -10.68
N SER A 298 19.53 -6.40 -10.17
CA SER A 298 20.77 -5.63 -10.06
C SER A 298 20.71 -4.42 -9.13
N VAL A 299 21.89 -3.96 -8.71
CA VAL A 299 22.00 -2.80 -7.82
C VAL A 299 23.13 -1.87 -8.29
N GLY A 300 22.88 -0.57 -8.26
CA GLY A 300 23.91 0.37 -8.67
C GLY A 300 23.40 1.72 -9.15
N ILE A 301 24.33 2.55 -9.61
CA ILE A 301 24.02 3.88 -10.12
C ILE A 301 23.40 3.83 -11.51
N GLU A 302 22.34 4.60 -11.69
CA GLU A 302 21.68 4.67 -12.98
C GLU A 302 21.24 6.11 -13.14
N LYS A 303 21.22 6.58 -14.38
CA LYS A 303 20.83 7.94 -14.68
C LYS A 303 19.32 8.07 -14.81
N TYR A 304 18.77 9.21 -14.39
CA TYR A 304 17.33 9.45 -14.47
C TYR A 304 17.04 10.87 -14.92
N ASP A 305 16.13 11.00 -15.88
CA ASP A 305 15.75 12.32 -16.39
C ASP A 305 15.24 13.17 -15.24
N TYR A 306 15.39 14.48 -15.37
CA TYR A 306 14.96 15.41 -14.34
C TYR A 306 13.47 15.31 -14.04
N SER A 307 12.67 14.96 -15.03
CA SER A 307 11.22 14.83 -14.85
C SER A 307 10.89 13.61 -13.98
N HIS A 308 11.59 12.51 -14.22
CA HIS A 308 11.39 11.27 -13.48
C HIS A 308 11.22 11.56 -11.98
N PRO A 309 10.23 10.92 -11.34
CA PRO A 309 9.99 11.14 -9.90
C PRO A 309 11.19 10.83 -8.98
N PHE A 310 12.16 10.06 -9.47
CA PHE A 310 13.34 9.73 -8.69
C PHE A 310 14.28 10.92 -8.52
N ALA A 311 14.16 11.90 -9.41
CA ALA A 311 15.01 13.08 -9.35
C ALA A 311 14.45 14.17 -8.43
N SER A 312 13.23 13.98 -7.97
CA SER A 312 12.62 14.98 -7.10
C SER A 312 12.29 14.43 -5.73
N LEU A 313 13.06 13.46 -5.27
CA LEU A 313 12.82 12.90 -3.95
C LEU A 313 13.10 13.91 -2.86
N LYS A 314 12.18 14.01 -1.91
CA LYS A 314 12.37 14.93 -0.80
C LYS A 314 13.18 14.27 0.31
N GLY A 315 14.10 15.03 0.88
CA GLY A 315 14.95 14.54 1.95
C GLY A 315 15.74 13.30 1.60
N SER A 316 15.36 12.18 2.20
CA SER A 316 16.02 10.91 1.98
C SER A 316 14.98 9.80 1.79
N ASP A 317 13.86 10.16 1.19
CA ASP A 317 12.78 9.20 0.95
C ASP A 317 13.24 7.99 0.16
N ASN A 318 12.42 6.95 0.22
CA ASN A 318 12.65 5.74 -0.54
C ASN A 318 11.55 5.84 -1.59
N VAL A 319 11.63 5.01 -2.62
CA VAL A 319 10.62 5.01 -3.67
C VAL A 319 10.68 3.70 -4.41
N ILE A 320 9.50 3.23 -4.83
CA ILE A 320 9.46 2.00 -5.60
C ILE A 320 8.53 2.25 -6.78
N SER A 321 8.99 1.85 -7.95
CA SER A 321 8.20 1.99 -9.17
C SER A 321 7.87 0.56 -9.53
N ILE A 322 6.58 0.28 -9.67
CA ILE A 322 6.14 -1.08 -9.97
C ILE A 322 5.30 -1.22 -11.23
N LYS A 323 5.80 -1.99 -12.20
CA LYS A 323 5.09 -2.23 -13.43
C LYS A 323 4.65 -3.69 -13.47
N THR A 324 3.37 -3.91 -13.68
CA THR A 324 2.85 -5.27 -13.73
C THR A 324 2.05 -5.44 -14.99
N LYS A 325 1.56 -6.66 -15.20
CA LYS A 325 0.76 -6.96 -16.37
C LYS A 325 -0.44 -6.01 -16.42
N ARG A 326 -0.99 -5.69 -15.24
CA ARG A 326 -2.15 -4.79 -15.14
C ARG A 326 -1.82 -3.31 -15.00
N TYR A 327 -0.79 -3.00 -14.22
CA TYR A 327 -0.40 -1.61 -14.03
C TYR A 327 0.67 -1.26 -15.07
N THR A 328 0.23 -1.08 -16.31
CA THR A 328 1.12 -0.77 -17.41
C THR A 328 1.79 0.57 -17.13
N ASN A 329 1.06 1.50 -16.52
CA ASN A 329 1.65 2.76 -16.09
C ASN A 329 2.12 2.35 -14.68
N PRO A 330 3.30 2.81 -14.25
CA PRO A 330 3.84 2.48 -12.93
C PRO A 330 3.07 2.90 -11.68
N VAL A 331 3.09 2.03 -10.67
CA VAL A 331 2.50 2.30 -9.36
C VAL A 331 3.75 2.84 -8.69
N VAL A 332 3.72 4.07 -8.18
CA VAL A 332 4.89 4.64 -7.54
C VAL A 332 4.58 5.01 -6.10
N ILE A 333 5.37 4.46 -5.18
CA ILE A 333 5.19 4.71 -3.76
C ILE A 333 6.46 5.37 -3.20
N GLN A 334 6.31 6.53 -2.57
CA GLN A 334 7.40 7.30 -1.97
C GLN A 334 7.17 7.50 -0.48
N GLY A 335 8.19 7.99 0.21
CA GLY A 335 8.07 8.25 1.64
C GLY A 335 9.27 7.82 2.45
N ALA A 336 9.27 8.16 3.73
CA ALA A 336 10.35 7.77 4.62
C ALA A 336 10.55 6.26 4.51
N GLY A 337 11.79 5.83 4.30
CA GLY A 337 12.08 4.41 4.20
C GLY A 337 12.92 3.95 5.38
N ALA A 338 12.96 4.79 6.40
CA ALA A 338 13.73 4.51 7.61
C ALA A 338 13.21 5.44 8.71
N GLY A 339 13.67 5.21 9.93
CA GLY A 339 13.23 6.04 11.04
C GLY A 339 12.54 5.16 12.07
N ALA A 340 12.88 5.34 13.34
CA ALA A 340 12.35 4.53 14.43
C ALA A 340 10.83 4.32 14.48
N ALA A 341 10.07 5.41 14.63
CA ALA A 341 8.61 5.33 14.71
C ALA A 341 7.91 4.77 13.49
N VAL A 342 8.32 5.21 12.31
CA VAL A 342 7.71 4.74 11.06
C VAL A 342 8.00 3.27 10.75
N THR A 343 9.20 2.81 11.10
CA THR A 343 9.59 1.43 10.85
C THR A 343 8.92 0.51 11.86
N ALA A 344 8.84 0.94 13.11
CA ALA A 344 8.22 0.12 14.14
C ALA A 344 6.72 0.00 13.86
N ALA A 345 6.14 1.05 13.27
CA ALA A 345 4.72 1.03 12.96
C ALA A 345 4.44 0.03 11.83
N GLY A 346 5.38 -0.12 10.92
CA GLY A 346 5.17 -1.08 9.84
C GLY A 346 5.17 -2.50 10.39
N VAL A 347 6.03 -2.73 11.38
CA VAL A 347 6.13 -4.03 12.01
C VAL A 347 4.85 -4.23 12.80
N LEU A 348 4.43 -3.20 13.53
CA LEU A 348 3.21 -3.29 14.30
C LEU A 348 2.05 -3.57 13.34
N GLY A 349 2.03 -2.86 12.22
CA GLY A 349 0.97 -3.10 11.25
C GLY A 349 0.93 -4.57 10.84
N ASP A 350 2.12 -5.18 10.75
CA ASP A 350 2.23 -6.60 10.40
C ASP A 350 1.70 -7.47 11.53
N VAL A 351 1.93 -7.05 12.78
CA VAL A 351 1.43 -7.82 13.93
C VAL A 351 -0.11 -7.80 13.89
N ILE A 352 -0.68 -6.69 13.45
CA ILE A 352 -2.13 -6.57 13.38
C ILE A 352 -2.65 -7.48 12.27
N LYS A 353 -1.94 -7.57 11.16
CA LYS A 353 -2.40 -8.44 10.07
C LYS A 353 -2.36 -9.90 10.49
N ILE A 354 -1.41 -10.26 11.34
CA ILE A 354 -1.30 -11.64 11.79
C ILE A 354 -2.34 -11.94 12.85
N ALA A 355 -2.53 -11.00 13.77
CA ALA A 355 -3.49 -11.17 14.84
C ALA A 355 -4.91 -11.45 14.33
N GLN A 356 -5.30 -10.80 13.24
CA GLN A 356 -6.64 -11.00 12.69
C GLN A 356 -6.71 -12.32 11.92
N ARG A 357 -5.57 -12.76 11.43
CA ARG A 357 -5.48 -13.99 10.66
C ARG A 357 -5.51 -15.25 11.52
N LEU A 358 -5.11 -15.12 12.78
CA LEU A 358 -5.06 -16.25 13.73
C LEU A 358 -6.40 -16.56 14.40
N SER B 1 -8.97 -28.38 9.48
CA SER B 1 -8.77 -28.62 8.02
C SER B 1 -8.99 -27.36 7.20
N THR B 2 -8.95 -27.50 5.88
CA THR B 2 -9.13 -26.36 4.98
C THR B 2 -10.26 -25.41 5.38
N LYS B 3 -9.90 -24.15 5.51
CA LYS B 3 -10.85 -23.11 5.87
C LYS B 3 -11.66 -22.79 4.62
N VAL B 4 -12.97 -22.65 4.77
CA VAL B 4 -13.83 -22.35 3.64
C VAL B 4 -14.66 -21.08 3.86
N VAL B 5 -14.79 -20.29 2.81
CA VAL B 5 -15.58 -19.09 2.87
C VAL B 5 -16.46 -19.05 1.64
N ASN B 6 -17.75 -18.80 1.84
CA ASN B 6 -18.70 -18.73 0.74
C ASN B 6 -18.80 -17.29 0.29
N VAL B 7 -18.79 -17.09 -1.03
CA VAL B 7 -18.85 -15.77 -1.64
C VAL B 7 -20.16 -15.55 -2.38
N ALA B 8 -20.81 -14.42 -2.14
CA ALA B 8 -22.07 -14.10 -2.82
C ALA B 8 -21.87 -12.79 -3.61
N VAL B 9 -21.89 -12.89 -4.94
CA VAL B 9 -21.69 -11.73 -5.80
C VAL B 9 -22.94 -11.13 -6.43
N ILE B 10 -23.05 -9.80 -6.40
CA ILE B 10 -24.14 -9.09 -7.04
C ILE B 10 -23.46 -8.19 -8.08
N GLY B 11 -23.73 -8.41 -9.36
CA GLY B 11 -23.12 -7.58 -10.36
C GLY B 11 -21.97 -8.17 -11.15
N ALA B 12 -22.19 -8.35 -12.45
CA ALA B 12 -21.16 -8.89 -13.33
C ALA B 12 -20.93 -7.95 -14.50
N GLY B 13 -20.67 -6.69 -14.19
CA GLY B 13 -20.42 -5.72 -15.25
C GLY B 13 -18.96 -5.68 -15.59
N VAL B 14 -18.45 -4.49 -15.89
CA VAL B 14 -17.05 -4.33 -16.24
C VAL B 14 -16.11 -4.77 -15.11
N VAL B 15 -16.41 -4.32 -13.90
CA VAL B 15 -15.61 -4.68 -12.74
C VAL B 15 -15.93 -6.07 -12.23
N GLY B 16 -17.22 -6.33 -11.97
CA GLY B 16 -17.62 -7.63 -11.47
C GLY B 16 -17.14 -8.78 -12.32
N SER B 17 -17.17 -8.58 -13.63
CA SER B 17 -16.74 -9.60 -14.58
C SER B 17 -15.26 -9.91 -14.39
N ALA B 18 -14.45 -8.89 -14.17
CA ALA B 18 -13.02 -9.09 -13.95
C ALA B 18 -12.87 -9.74 -12.58
N PHE B 19 -13.70 -9.33 -11.65
CA PHE B 19 -13.66 -9.88 -10.31
C PHE B 19 -13.91 -11.38 -10.32
N LEU B 20 -14.97 -11.79 -11.01
CA LEU B 20 -15.34 -13.20 -11.11
C LEU B 20 -14.24 -14.05 -11.71
N ASP B 21 -13.65 -13.58 -12.79
CA ASP B 21 -12.55 -14.28 -13.44
C ASP B 21 -11.41 -14.45 -12.46
N GLN B 22 -11.00 -13.34 -11.85
CA GLN B 22 -9.91 -13.39 -10.88
C GLN B 22 -10.21 -14.32 -9.73
N LEU B 23 -11.45 -14.27 -9.23
CA LEU B 23 -11.85 -15.12 -8.12
C LEU B 23 -11.75 -16.62 -8.46
N LEU B 24 -12.32 -17.03 -9.60
CA LEU B 24 -12.30 -18.43 -9.98
C LEU B 24 -10.93 -18.94 -10.36
N ALA B 25 -9.99 -18.03 -10.63
CA ALA B 25 -8.65 -18.40 -11.04
C ALA B 25 -7.64 -18.48 -9.90
N MET B 26 -7.86 -17.67 -8.86
CA MET B 26 -6.97 -17.60 -7.70
C MET B 26 -6.77 -18.93 -6.95
N LYS B 27 -5.53 -19.19 -6.55
CA LYS B 27 -5.18 -20.42 -5.83
C LYS B 27 -4.71 -20.04 -4.42
N SER B 28 -5.34 -20.61 -3.40
CA SER B 28 -4.98 -20.23 -2.04
C SER B 28 -5.14 -21.36 -1.05
N THR B 29 -4.61 -21.17 0.15
CA THR B 29 -4.76 -22.18 1.20
C THR B 29 -6.18 -22.09 1.76
N ILE B 30 -6.86 -20.99 1.48
CA ILE B 30 -8.26 -20.83 1.89
C ILE B 30 -9.03 -21.14 0.61
N THR B 31 -10.18 -21.79 0.75
CA THR B 31 -11.01 -22.12 -0.39
C THR B 31 -12.20 -21.15 -0.43
N TYR B 32 -12.35 -20.47 -1.56
CA TYR B 32 -13.44 -19.51 -1.76
C TYR B 32 -14.50 -20.13 -2.66
N ASN B 33 -15.68 -20.42 -2.12
CA ASN B 33 -16.74 -21.00 -2.93
C ASN B 33 -17.72 -19.94 -3.40
N LEU B 34 -17.87 -19.83 -4.71
CA LEU B 34 -18.83 -18.90 -5.27
C LEU B 34 -20.15 -19.64 -5.08
N VAL B 35 -21.02 -19.11 -4.23
CA VAL B 35 -22.30 -19.78 -3.99
C VAL B 35 -23.50 -19.02 -4.52
N LEU B 36 -23.27 -17.82 -5.04
CA LEU B 36 -24.36 -17.05 -5.59
C LEU B 36 -23.85 -15.91 -6.45
N LEU B 37 -24.47 -15.74 -7.60
CA LEU B 37 -24.11 -14.69 -8.54
C LEU B 37 -25.39 -14.10 -9.12
N ALA B 38 -25.57 -12.79 -8.95
CA ALA B 38 -26.75 -12.09 -9.46
C ALA B 38 -26.42 -10.91 -10.38
N GLU B 39 -27.04 -10.90 -11.56
CA GLU B 39 -26.85 -9.83 -12.56
C GLU B 39 -28.20 -9.58 -13.21
N ALA B 40 -28.77 -8.40 -12.98
CA ALA B 40 -30.08 -8.03 -13.53
C ALA B 40 -31.09 -9.10 -13.10
N GLU B 41 -32.00 -9.51 -13.98
CA GLU B 41 -33.00 -10.52 -13.61
C GLU B 41 -32.51 -11.99 -13.52
N ARG B 42 -31.25 -12.25 -13.81
CA ARG B 42 -30.72 -13.62 -13.75
C ARG B 42 -29.74 -13.83 -12.60
N SER B 43 -29.89 -14.95 -11.91
CA SER B 43 -29.00 -15.28 -10.81
C SER B 43 -28.66 -16.74 -10.86
N LEU B 44 -27.48 -17.08 -10.36
CA LEU B 44 -27.06 -18.46 -10.27
C LEU B 44 -27.01 -18.62 -8.76
N ILE B 45 -27.80 -19.54 -8.23
CA ILE B 45 -27.86 -19.77 -6.78
C ILE B 45 -27.58 -21.22 -6.42
N SER B 46 -26.53 -21.45 -5.64
CA SER B 46 -26.22 -22.81 -5.22
C SER B 46 -27.03 -23.07 -3.96
N LYS B 47 -28.20 -23.70 -4.13
CA LYS B 47 -29.07 -24.02 -3.02
C LYS B 47 -28.38 -24.94 -2.02
N ASP B 48 -27.34 -25.58 -2.53
CA ASP B 48 -26.51 -26.54 -1.84
C ASP B 48 -25.39 -25.84 -1.04
N PHE B 49 -25.06 -24.62 -1.47
CA PHE B 49 -23.96 -23.84 -0.91
C PHE B 49 -22.64 -24.46 -1.30
N SER B 50 -22.70 -25.37 -2.27
CA SER B 50 -21.49 -25.98 -2.80
C SER B 50 -21.12 -24.98 -3.90
N PRO B 51 -19.88 -25.04 -4.42
CA PRO B 51 -19.47 -24.10 -5.47
C PRO B 51 -20.39 -24.18 -6.69
N LEU B 52 -20.82 -23.03 -7.21
CA LEU B 52 -21.67 -23.04 -8.38
C LEU B 52 -20.95 -23.84 -9.46
N ASN B 53 -21.66 -24.77 -10.10
CA ASN B 53 -21.10 -25.59 -11.15
C ASN B 53 -21.06 -24.77 -12.46
N VAL B 54 -20.19 -23.77 -12.52
CA VAL B 54 -20.10 -22.93 -13.70
C VAL B 54 -19.12 -23.51 -14.70
N GLY B 55 -18.70 -24.74 -14.46
CA GLY B 55 -17.76 -25.39 -15.36
C GLY B 55 -16.61 -24.46 -15.69
N SER B 56 -16.46 -24.13 -16.98
CA SER B 56 -15.39 -23.27 -17.44
C SER B 56 -15.84 -21.81 -17.64
N ASP B 57 -16.94 -21.67 -18.35
CA ASP B 57 -17.53 -20.38 -18.70
C ASP B 57 -18.66 -19.92 -17.76
N TRP B 58 -18.37 -19.04 -16.80
CA TRP B 58 -19.42 -18.58 -15.88
C TRP B 58 -20.40 -17.65 -16.58
N LYS B 59 -19.98 -17.02 -17.68
CA LYS B 59 -20.88 -16.15 -18.41
C LYS B 59 -22.01 -16.97 -19.05
N ALA B 60 -21.65 -18.04 -19.75
CA ALA B 60 -22.62 -18.90 -20.41
C ALA B 60 -23.60 -19.47 -19.40
N ALA B 61 -23.11 -19.86 -18.23
CA ALA B 61 -23.97 -20.41 -17.19
C ALA B 61 -24.91 -19.35 -16.63
N LEU B 62 -24.42 -18.13 -16.47
CA LEU B 62 -25.28 -17.09 -15.98
C LEU B 62 -26.42 -16.84 -16.98
N ALA B 63 -26.05 -16.69 -18.25
CA ALA B 63 -27.01 -16.42 -19.33
C ALA B 63 -28.02 -17.54 -19.51
N ALA B 64 -27.66 -18.74 -19.10
CA ALA B 64 -28.54 -19.89 -19.25
C ALA B 64 -29.54 -20.03 -18.09
N SER B 65 -29.21 -19.45 -16.96
CA SER B 65 -30.09 -19.56 -15.79
C SER B 65 -31.52 -19.12 -16.02
N THR B 66 -32.42 -19.74 -15.26
CA THR B 66 -33.84 -19.43 -15.30
C THR B 66 -34.25 -19.12 -13.88
N THR B 67 -33.26 -18.83 -13.06
CA THR B 67 -33.47 -18.51 -11.66
C THR B 67 -33.54 -17.00 -11.51
N LYS B 68 -34.69 -16.50 -11.06
CA LYS B 68 -34.84 -15.07 -10.92
C LYS B 68 -34.06 -14.55 -9.74
N THR B 69 -33.75 -13.26 -9.77
CA THR B 69 -32.99 -12.60 -8.72
C THR B 69 -33.87 -12.34 -7.50
N LEU B 70 -33.37 -12.73 -6.33
CA LEU B 70 -34.09 -12.59 -5.07
C LEU B 70 -34.16 -11.19 -4.50
N PRO B 71 -35.34 -10.82 -3.96
CA PRO B 71 -35.47 -9.49 -3.36
C PRO B 71 -34.37 -9.49 -2.31
N LEU B 72 -33.91 -8.33 -1.87
CA LEU B 72 -32.81 -8.31 -0.89
C LEU B 72 -33.10 -8.95 0.46
N ASP B 73 -34.35 -8.86 0.93
CA ASP B 73 -34.71 -9.45 2.22
C ASP B 73 -34.62 -10.96 2.14
N ASP B 74 -35.08 -11.52 1.04
CA ASP B 74 -35.02 -12.97 0.87
C ASP B 74 -33.55 -13.38 0.63
N LEU B 75 -32.76 -12.50 0.04
CA LEU B 75 -31.35 -12.81 -0.20
C LEU B 75 -30.64 -12.96 1.14
N ILE B 76 -30.84 -11.98 2.02
CA ILE B 76 -30.23 -12.01 3.34
C ILE B 76 -30.63 -13.29 4.07
N ALA B 77 -31.93 -13.59 4.11
CA ALA B 77 -32.40 -14.80 4.80
C ALA B 77 -31.64 -16.01 4.28
N HIS B 78 -31.66 -16.18 2.96
CA HIS B 78 -30.97 -17.30 2.34
C HIS B 78 -29.51 -17.40 2.78
N LEU B 79 -28.81 -16.27 2.73
CA LEU B 79 -27.40 -16.21 3.09
C LEU B 79 -27.11 -16.54 4.56
N LYS B 80 -28.03 -16.17 5.45
CA LYS B 80 -27.85 -16.45 6.87
C LYS B 80 -27.80 -17.96 7.08
N THR B 81 -28.35 -18.69 6.11
CA THR B 81 -28.43 -20.15 6.12
C THR B 81 -27.14 -20.90 5.74
N SER B 82 -26.20 -20.19 5.14
CA SER B 82 -24.94 -20.82 4.74
C SER B 82 -24.19 -21.47 5.89
N PRO B 83 -23.62 -22.66 5.64
CA PRO B 83 -22.84 -23.47 6.59
C PRO B 83 -21.48 -22.83 6.90
N LYS B 84 -21.09 -21.84 6.12
CA LYS B 84 -19.79 -21.19 6.31
C LYS B 84 -19.94 -19.68 6.21
N PRO B 85 -18.97 -18.93 6.76
CA PRO B 85 -19.00 -17.46 6.71
C PRO B 85 -19.25 -17.00 5.29
N VAL B 86 -20.05 -15.95 5.13
CA VAL B 86 -20.39 -15.43 3.81
C VAL B 86 -19.86 -14.03 3.61
N ILE B 87 -19.36 -13.77 2.41
CA ILE B 87 -18.86 -12.45 2.08
C ILE B 87 -19.66 -11.98 0.88
N LEU B 88 -20.39 -10.89 1.05
CA LEU B 88 -21.17 -10.33 -0.04
C LEU B 88 -20.27 -9.38 -0.81
N VAL B 89 -20.22 -9.52 -2.13
CA VAL B 89 -19.41 -8.62 -2.93
C VAL B 89 -20.35 -7.85 -3.86
N ASP B 90 -20.52 -6.57 -3.55
CA ASP B 90 -21.41 -5.71 -4.31
C ASP B 90 -20.63 -4.99 -5.39
N ASN B 91 -20.70 -5.50 -6.61
CA ASN B 91 -19.99 -4.87 -7.70
C ASN B 91 -20.87 -3.89 -8.46
N THR B 92 -21.92 -3.40 -7.81
CA THR B 92 -22.81 -2.42 -8.43
C THR B 92 -22.44 -1.05 -7.88
N SER B 93 -23.20 -0.05 -8.30
CA SER B 93 -23.00 1.31 -7.84
C SER B 93 -24.38 1.73 -7.34
N SER B 94 -25.15 0.72 -6.92
CA SER B 94 -26.52 0.89 -6.45
C SER B 94 -26.72 1.47 -5.07
N ALA B 95 -27.47 2.57 -5.01
CA ALA B 95 -27.75 3.20 -3.74
C ALA B 95 -28.82 2.36 -3.06
N TYR B 96 -29.56 1.59 -3.86
CA TYR B 96 -30.62 0.72 -3.34
C TYR B 96 -30.01 -0.43 -2.55
N ILE B 97 -29.04 -1.12 -3.16
CA ILE B 97 -28.36 -2.21 -2.47
C ILE B 97 -27.66 -1.60 -1.27
N ALA B 98 -26.92 -0.52 -1.50
CA ALA B 98 -26.22 0.17 -0.42
C ALA B 98 -27.15 0.36 0.79
N GLY B 99 -28.40 0.67 0.51
CA GLY B 99 -29.36 0.89 1.58
C GLY B 99 -29.61 -0.32 2.48
N PHE B 100 -29.24 -1.52 2.02
CA PHE B 100 -29.42 -2.74 2.79
C PHE B 100 -28.17 -3.20 3.52
N TYR B 101 -27.06 -2.49 3.35
CA TYR B 101 -25.82 -2.90 4.00
C TYR B 101 -26.00 -3.21 5.48
N THR B 102 -26.59 -2.29 6.24
CA THR B 102 -26.81 -2.51 7.67
C THR B 102 -27.50 -3.84 7.94
N LYS B 103 -28.54 -4.16 7.18
CA LYS B 103 -29.24 -5.42 7.36
C LYS B 103 -28.27 -6.60 7.18
N PHE B 104 -27.47 -6.55 6.12
CA PHE B 104 -26.49 -7.61 5.83
C PHE B 104 -25.51 -7.81 6.99
N VAL B 105 -24.84 -6.73 7.37
CA VAL B 105 -23.84 -6.78 8.43
C VAL B 105 -24.37 -7.24 9.79
N GLU B 106 -25.46 -6.65 10.25
CA GLU B 106 -25.99 -7.04 11.55
C GLU B 106 -26.48 -8.49 11.53
N ASN B 107 -26.52 -9.08 10.33
CA ASN B 107 -26.94 -10.48 10.20
C ASN B 107 -25.77 -11.42 9.97
N GLY B 108 -24.56 -10.93 10.24
CA GLY B 108 -23.36 -11.73 10.12
C GLY B 108 -22.81 -11.93 8.72
N ILE B 109 -23.28 -11.14 7.77
CA ILE B 109 -22.81 -11.25 6.39
C ILE B 109 -21.80 -10.15 6.09
N SER B 110 -20.55 -10.53 5.83
CA SER B 110 -19.51 -9.56 5.52
C SER B 110 -19.71 -8.95 4.14
N ILE B 111 -19.02 -7.83 3.89
CA ILE B 111 -19.13 -7.12 2.61
C ILE B 111 -17.81 -6.57 2.10
N ALA B 112 -17.58 -6.71 0.79
CA ALA B 112 -16.38 -6.20 0.13
C ALA B 112 -16.99 -5.48 -1.08
N THR B 113 -16.57 -4.25 -1.39
CA THR B 113 -17.23 -3.56 -2.50
C THR B 113 -16.55 -2.28 -3.03
N PRO B 114 -16.82 -1.94 -4.31
CA PRO B 114 -16.26 -0.74 -4.96
C PRO B 114 -17.32 0.35 -4.84
N ASN B 115 -18.51 -0.07 -4.42
CA ASN B 115 -19.67 0.80 -4.25
C ASN B 115 -19.48 1.87 -3.17
N LYS B 116 -19.38 3.13 -3.60
CA LYS B 116 -19.16 4.25 -2.68
C LYS B 116 -20.42 4.80 -2.01
N LYS B 117 -21.58 4.41 -2.52
CA LYS B 117 -22.86 4.91 -1.99
C LYS B 117 -22.97 4.94 -0.46
N ALA B 118 -22.98 3.76 0.16
CA ALA B 118 -23.11 3.66 1.61
C ALA B 118 -22.06 4.42 2.42
N PHE B 119 -20.84 4.52 1.91
CA PHE B 119 -19.76 5.18 2.63
C PHE B 119 -19.72 6.69 2.44
N SER B 120 -20.49 7.19 1.48
CA SER B 120 -20.50 8.62 1.19
C SER B 120 -21.88 9.28 1.29
N SER B 121 -22.71 8.75 2.18
CA SER B 121 -24.03 9.32 2.40
C SER B 121 -23.91 10.13 3.68
N ASP B 122 -24.95 10.14 4.51
CA ASP B 122 -24.90 10.89 5.77
C ASP B 122 -23.90 10.27 6.73
N LEU B 123 -23.61 10.98 7.83
CA LEU B 123 -22.65 10.52 8.81
C LEU B 123 -23.10 9.37 9.70
N ALA B 124 -24.37 9.35 10.07
CA ALA B 124 -24.89 8.30 10.95
C ALA B 124 -24.83 6.94 10.26
N THR B 125 -25.02 6.96 8.94
CA THR B 125 -24.97 5.74 8.16
C THR B 125 -23.54 5.21 8.15
N TRP B 126 -22.57 6.12 8.17
CA TRP B 126 -21.17 5.72 8.18
C TRP B 126 -20.78 5.18 9.56
N LYS B 127 -21.30 5.82 10.61
CA LYS B 127 -21.01 5.38 11.97
C LYS B 127 -21.33 3.90 12.16
N ALA B 128 -22.29 3.40 11.38
CA ALA B 128 -22.66 1.99 11.46
C ALA B 128 -21.62 1.17 10.69
N LEU B 129 -20.36 1.32 11.09
CA LEU B 129 -19.24 0.62 10.48
C LEU B 129 -18.48 -0.15 11.55
N PHE B 130 -18.76 0.14 12.82
CA PHE B 130 -18.11 -0.53 13.94
C PHE B 130 -18.98 -1.69 14.43
N SER B 131 -18.35 -2.84 14.63
CA SER B 131 -19.04 -4.04 15.08
C SER B 131 -19.70 -3.89 16.44
N ASN B 132 -20.62 -2.92 16.54
CA ASN B 132 -21.34 -2.68 17.78
C ASN B 132 -21.81 -4.03 18.31
N LYS B 133 -22.14 -4.93 17.39
CA LYS B 133 -22.61 -6.25 17.77
C LYS B 133 -21.57 -7.30 17.38
N PRO B 134 -21.33 -8.29 18.26
CA PRO B 134 -20.37 -9.38 18.06
C PRO B 134 -20.70 -10.36 16.93
N THR B 135 -21.88 -10.23 16.34
CA THR B 135 -22.28 -11.09 15.23
C THR B 135 -22.38 -10.23 13.97
N ASN B 136 -21.45 -9.30 13.83
CA ASN B 136 -21.44 -8.42 12.68
C ASN B 136 -20.37 -8.78 11.67
N GLY B 137 -20.79 -8.88 10.41
CA GLY B 137 -19.84 -9.19 9.36
C GLY B 137 -18.92 -7.99 9.22
N PHE B 138 -17.87 -8.14 8.43
CA PHE B 138 -16.94 -7.05 8.23
C PHE B 138 -17.34 -6.24 7.00
N VAL B 139 -16.80 -5.04 6.90
CA VAL B 139 -17.07 -4.15 5.78
C VAL B 139 -15.79 -3.58 5.21
N TYR B 140 -15.46 -3.99 4.00
CA TYR B 140 -14.25 -3.49 3.36
C TYR B 140 -14.63 -2.76 2.08
N HIS B 141 -14.05 -1.58 1.88
CA HIS B 141 -14.35 -0.75 0.72
C HIS B 141 -13.11 -0.15 0.02
N GLU B 142 -11.99 -0.87 0.07
CA GLU B 142 -10.75 -0.38 -0.52
C GLU B 142 -10.90 0.29 -1.88
N ALA B 143 -11.57 -0.39 -2.81
CA ALA B 143 -11.74 0.11 -4.17
C ALA B 143 -12.66 1.32 -4.31
N THR B 144 -13.07 1.86 -3.17
CA THR B 144 -13.95 3.01 -3.20
C THR B 144 -13.12 4.28 -3.39
N VAL B 145 -11.83 4.19 -3.06
CA VAL B 145 -10.92 5.32 -3.20
C VAL B 145 -9.60 4.86 -3.81
N GLY B 146 -9.40 5.19 -5.09
CA GLY B 146 -8.16 4.82 -5.74
C GLY B 146 -8.06 3.39 -6.24
N ALA B 147 -9.17 2.80 -6.66
CA ALA B 147 -9.19 1.43 -7.19
C ALA B 147 -8.47 0.41 -6.29
N GLY B 148 -7.48 -0.29 -6.83
CA GLY B 148 -6.74 -1.28 -6.07
C GLY B 148 -5.49 -0.80 -5.34
N LEU B 149 -5.15 0.49 -5.48
CA LEU B 149 -3.97 1.05 -4.80
C LEU B 149 -4.14 0.85 -3.28
N PRO B 150 -3.02 0.70 -2.55
CA PRO B 150 -3.08 0.50 -1.09
C PRO B 150 -3.25 1.82 -0.35
N ILE B 151 -4.48 2.32 -0.34
CA ILE B 151 -4.76 3.60 0.31
C ILE B 151 -5.49 3.48 1.63
N ILE B 152 -6.74 3.04 1.59
CA ILE B 152 -7.56 2.92 2.78
C ILE B 152 -6.99 1.96 3.81
N SER B 153 -6.43 0.85 3.36
CA SER B 153 -5.85 -0.09 4.31
C SER B 153 -4.62 0.53 4.97
N PHE B 154 -3.88 1.31 4.21
CA PHE B 154 -2.69 1.97 4.73
C PHE B 154 -3.10 3.05 5.74
N LEU B 155 -4.14 3.80 5.42
CA LEU B 155 -4.60 4.83 6.35
C LEU B 155 -5.05 4.20 7.65
N ARG B 156 -5.91 3.18 7.57
CA ARG B 156 -6.39 2.52 8.79
C ARG B 156 -5.26 1.86 9.56
N GLU B 157 -4.28 1.33 8.86
CA GLU B 157 -3.19 0.67 9.54
C GLU B 157 -2.39 1.59 10.46
N ILE B 158 -1.82 2.64 9.88
CA ILE B 158 -1.01 3.56 10.66
C ILE B 158 -1.80 4.18 11.80
N ILE B 159 -3.07 4.52 11.54
CA ILE B 159 -3.92 5.09 12.58
C ILE B 159 -3.95 4.15 13.79
N GLN B 160 -4.24 2.86 13.55
CA GLN B 160 -4.29 1.86 14.62
C GLN B 160 -2.97 1.86 15.37
N THR B 161 -1.88 2.02 14.63
CA THR B 161 -0.53 2.04 15.18
C THR B 161 -0.26 3.21 16.14
N GLY B 162 -1.12 4.23 16.10
CA GLY B 162 -0.91 5.37 16.96
C GLY B 162 -0.63 6.64 16.16
N ASP B 163 -0.39 6.49 14.86
CA ASP B 163 -0.11 7.67 14.02
C ASP B 163 -1.38 8.48 13.85
N GLU B 164 -1.21 9.73 13.41
CA GLU B 164 -2.33 10.64 13.21
C GLU B 164 -2.18 11.37 11.87
N VAL B 165 -3.23 11.35 11.05
CA VAL B 165 -3.14 12.04 9.78
C VAL B 165 -3.39 13.55 10.01
N GLU B 166 -2.57 14.37 9.37
CA GLU B 166 -2.70 15.81 9.50
C GLU B 166 -3.25 16.41 8.22
N LYS B 167 -2.72 15.96 7.09
CA LYS B 167 -3.18 16.48 5.81
C LYS B 167 -3.21 15.41 4.73
N ILE B 168 -4.10 15.60 3.78
CA ILE B 168 -4.23 14.70 2.65
C ILE B 168 -4.70 15.50 1.45
N GLU B 169 -4.24 15.08 0.28
CA GLU B 169 -4.66 15.70 -0.94
C GLU B 169 -4.24 14.81 -2.07
N GLY B 170 -5.12 14.68 -3.07
CA GLY B 170 -4.81 13.85 -4.19
C GLY B 170 -5.77 14.06 -5.34
N ILE B 171 -5.55 13.26 -6.38
CA ILE B 171 -6.37 13.28 -7.59
C ILE B 171 -7.11 11.96 -7.44
N PHE B 172 -8.43 12.03 -7.28
CA PHE B 172 -9.25 10.84 -7.05
C PHE B 172 -10.18 10.42 -8.17
N SER B 173 -10.24 11.20 -9.24
CA SER B 173 -11.09 10.85 -10.36
C SER B 173 -10.24 10.39 -11.52
N GLY B 174 -10.49 9.17 -12.00
CA GLY B 174 -9.74 8.64 -13.12
C GLY B 174 -10.01 9.47 -14.36
N THR B 175 -11.29 9.77 -14.58
CA THR B 175 -11.73 10.57 -15.71
C THR B 175 -11.10 11.95 -15.70
N LEU B 176 -11.29 12.65 -14.57
CA LEU B 176 -10.75 13.98 -14.41
C LEU B 176 -9.23 14.02 -14.42
N SER B 177 -8.60 12.92 -14.01
CA SER B 177 -7.13 12.85 -14.05
C SER B 177 -6.76 12.76 -15.52
N TYR B 178 -7.47 11.90 -16.25
CA TYR B 178 -7.19 11.75 -17.67
C TYR B 178 -7.33 13.11 -18.37
N ILE B 179 -8.47 13.75 -18.19
CA ILE B 179 -8.73 15.04 -18.82
C ILE B 179 -7.68 16.11 -18.51
N PHE B 180 -7.36 16.32 -17.25
CA PHE B 180 -6.36 17.32 -16.94
C PHE B 180 -4.97 16.93 -17.39
N ASN B 181 -4.73 15.63 -17.53
CA ASN B 181 -3.43 15.16 -18.00
C ASN B 181 -3.25 15.49 -19.48
N GLU B 182 -4.36 15.58 -20.19
CA GLU B 182 -4.33 15.90 -21.61
C GLU B 182 -4.34 17.41 -21.79
N PHE B 183 -5.23 18.05 -21.04
CA PHE B 183 -5.44 19.49 -21.09
C PHE B 183 -4.26 20.37 -20.65
N SER B 184 -3.77 20.14 -19.45
CA SER B 184 -2.67 20.92 -18.91
C SER B 184 -1.42 20.06 -18.78
N THR B 185 -0.47 20.29 -19.67
CA THR B 185 0.77 19.52 -19.63
C THR B 185 1.96 20.45 -19.45
N SER B 186 3.13 19.83 -19.35
CA SER B 186 4.37 20.56 -19.17
C SER B 186 4.92 21.02 -20.50
N GLN B 187 4.81 20.17 -21.51
CA GLN B 187 5.35 20.46 -22.84
C GLN B 187 4.47 21.28 -23.78
N ALA B 188 4.38 22.58 -23.51
CA ALA B 188 3.59 23.49 -24.33
C ALA B 188 2.43 22.78 -25.01
N ASN B 189 1.31 22.68 -24.29
CA ASN B 189 0.11 22.04 -24.82
C ASN B 189 -0.59 23.09 -25.69
N ASP B 190 -1.87 22.88 -25.98
CA ASP B 190 -2.63 23.83 -26.80
C ASP B 190 -4.00 23.28 -27.20
N VAL B 191 -4.46 22.26 -26.50
CA VAL B 191 -5.74 21.65 -26.79
C VAL B 191 -6.86 22.35 -26.02
N LYS B 192 -8.05 22.37 -26.61
CA LYS B 192 -9.20 22.99 -25.97
C LYS B 192 -9.80 22.02 -24.96
N PHE B 193 -10.24 22.53 -23.82
CA PHE B 193 -10.86 21.70 -22.79
C PHE B 193 -11.98 20.92 -23.45
N SER B 194 -12.72 21.63 -24.30
CA SER B 194 -13.85 21.10 -25.04
C SER B 194 -13.50 19.78 -25.73
N ASP B 195 -12.38 19.77 -26.46
CA ASP B 195 -11.94 18.58 -27.19
C ASP B 195 -11.45 17.44 -26.30
N VAL B 196 -10.81 17.76 -25.18
CA VAL B 196 -10.33 16.70 -24.30
C VAL B 196 -11.50 15.84 -23.82
N VAL B 197 -12.60 16.49 -23.42
CA VAL B 197 -13.77 15.76 -22.94
C VAL B 197 -14.47 14.94 -24.04
N LYS B 198 -14.71 15.56 -25.18
CA LYS B 198 -15.38 14.88 -26.29
C LYS B 198 -14.72 13.56 -26.65
N VAL B 199 -13.38 13.56 -26.67
CA VAL B 199 -12.63 12.36 -26.99
C VAL B 199 -12.64 11.35 -25.83
N ALA B 200 -12.54 11.85 -24.61
CA ALA B 200 -12.56 10.99 -23.43
C ALA B 200 -13.93 10.31 -23.39
N LYS B 201 -14.92 11.01 -23.91
CA LYS B 201 -16.28 10.52 -23.95
C LYS B 201 -16.42 9.38 -24.98
N LYS B 202 -15.87 9.58 -26.16
CA LYS B 202 -15.94 8.56 -27.22
C LYS B 202 -15.18 7.29 -26.86
N LEU B 203 -14.08 7.45 -26.14
CA LEU B 203 -13.28 6.31 -25.74
C LEU B 203 -13.93 5.61 -24.54
N GLY B 204 -14.95 6.27 -23.98
CA GLY B 204 -15.66 5.72 -22.83
C GLY B 204 -14.85 5.85 -21.54
N TYR B 205 -14.10 6.94 -21.41
CA TYR B 205 -13.29 7.19 -20.21
C TYR B 205 -14.07 8.10 -19.26
N THR B 206 -15.31 8.40 -19.64
CA THR B 206 -16.16 9.27 -18.85
C THR B 206 -17.54 8.61 -18.81
N GLU B 207 -18.36 8.96 -17.81
CA GLU B 207 -19.72 8.41 -17.71
C GLU B 207 -20.43 8.70 -19.03
N PRO B 208 -21.53 7.98 -19.34
CA PRO B 208 -22.19 8.29 -20.61
C PRO B 208 -22.42 9.79 -20.76
N ASP B 209 -22.72 10.46 -19.64
CA ASP B 209 -22.90 11.91 -19.65
C ASP B 209 -21.75 12.46 -18.78
N PRO B 210 -20.69 12.99 -19.41
CA PRO B 210 -19.55 13.54 -18.67
C PRO B 210 -19.88 14.57 -17.59
N ARG B 211 -21.05 15.19 -17.66
CA ARG B 211 -21.42 16.14 -16.63
C ARG B 211 -21.35 15.51 -15.26
N ASP B 212 -21.59 14.18 -15.20
CA ASP B 212 -21.54 13.44 -13.93
C ASP B 212 -20.13 13.26 -13.42
N ASP B 213 -19.15 13.64 -14.26
CA ASP B 213 -17.75 13.58 -13.88
C ASP B 213 -17.28 15.02 -13.64
N LEU B 214 -17.76 15.95 -14.47
CA LEU B 214 -17.39 17.37 -14.36
C LEU B 214 -17.98 18.09 -13.13
N ASN B 215 -19.13 17.62 -12.64
CA ASN B 215 -19.73 18.29 -11.49
C ASN B 215 -18.87 18.09 -10.25
N GLY B 216 -17.81 17.29 -10.40
CA GLY B 216 -16.90 17.03 -9.31
C GLY B 216 -17.50 16.30 -8.13
N LEU B 217 -18.71 15.76 -8.30
CA LEU B 217 -19.38 15.05 -7.21
C LEU B 217 -18.66 13.78 -6.80
N ASP B 218 -18.10 13.07 -7.77
CA ASP B 218 -17.41 11.83 -7.46
C ASP B 218 -16.16 11.98 -6.60
N VAL B 219 -15.34 12.99 -6.89
CA VAL B 219 -14.15 13.18 -6.06
C VAL B 219 -14.63 13.62 -4.67
N ALA B 220 -15.74 14.35 -4.62
CA ALA B 220 -16.27 14.80 -3.34
C ALA B 220 -16.72 13.58 -2.55
N ARG B 221 -17.15 12.56 -3.28
CA ARG B 221 -17.59 11.31 -2.70
C ARG B 221 -16.42 10.62 -2.00
N LYS B 222 -15.30 10.55 -2.72
CA LYS B 222 -14.10 9.91 -2.20
C LYS B 222 -13.40 10.72 -1.13
N VAL B 223 -13.56 12.04 -1.19
CA VAL B 223 -12.95 12.93 -0.21
C VAL B 223 -13.68 12.76 1.13
N THR B 224 -14.99 12.54 1.05
CA THR B 224 -15.82 12.34 2.23
C THR B 224 -15.37 11.08 2.95
N ILE B 225 -14.99 10.08 2.15
CA ILE B 225 -14.54 8.81 2.68
C ILE B 225 -13.16 8.94 3.36
N VAL B 226 -12.21 9.52 2.63
CA VAL B 226 -10.85 9.72 3.14
C VAL B 226 -10.87 10.60 4.39
N GLY B 227 -11.57 11.72 4.29
CA GLY B 227 -11.67 12.64 5.41
C GLY B 227 -12.22 11.97 6.65
N ARG B 228 -13.23 11.12 6.49
CA ARG B 228 -13.80 10.44 7.64
C ARG B 228 -12.75 9.50 8.23
N ILE B 229 -12.08 8.75 7.38
CA ILE B 229 -11.05 7.84 7.86
C ILE B 229 -9.99 8.66 8.61
N SER B 230 -9.77 9.89 8.16
CA SER B 230 -8.79 10.76 8.79
C SER B 230 -9.27 11.46 10.06
N GLY B 231 -10.47 11.13 10.52
CA GLY B 231 -10.98 11.72 11.75
C GLY B 231 -11.74 13.03 11.61
N VAL B 232 -12.10 13.38 10.38
CA VAL B 232 -12.87 14.59 10.10
C VAL B 232 -14.28 14.10 9.78
N GLU B 233 -15.23 14.41 10.67
CA GLU B 233 -16.62 13.98 10.49
C GLU B 233 -17.39 14.70 9.39
N VAL B 234 -16.96 14.57 8.14
CA VAL B 234 -17.64 15.23 7.03
C VAL B 234 -19.11 14.82 6.99
N GLU B 235 -20.00 15.81 7.07
CA GLU B 235 -21.43 15.55 7.06
C GLU B 235 -21.92 14.79 5.84
N SER B 236 -21.49 15.22 4.67
CA SER B 236 -21.89 14.60 3.41
C SER B 236 -20.99 15.14 2.32
N PRO B 237 -21.09 14.61 1.10
CA PRO B 237 -20.25 15.09 0.00
C PRO B 237 -20.65 16.45 -0.58
N THR B 238 -21.63 17.12 0.03
CA THR B 238 -22.06 18.43 -0.44
C THR B 238 -22.07 19.45 0.70
N SER B 239 -21.39 19.12 1.79
CA SER B 239 -21.34 20.01 2.94
C SER B 239 -19.99 20.72 3.01
N PHE B 240 -19.31 20.82 1.88
CA PHE B 240 -18.02 21.47 1.82
C PHE B 240 -17.75 21.97 0.39
N PRO B 241 -16.82 22.92 0.24
CA PRO B 241 -16.49 23.46 -1.09
C PRO B 241 -16.13 22.40 -2.14
N VAL B 242 -16.85 22.46 -3.26
CA VAL B 242 -16.62 21.55 -4.38
C VAL B 242 -16.73 22.39 -5.64
N GLN B 243 -15.63 22.54 -6.36
CA GLN B 243 -15.65 23.32 -7.57
C GLN B 243 -16.17 22.51 -8.75
N SER B 244 -17.29 22.95 -9.31
CA SER B 244 -17.89 22.29 -10.46
C SER B 244 -17.28 22.79 -11.74
N LEU B 245 -17.10 21.90 -12.70
CA LEU B 245 -16.50 22.27 -13.99
C LEU B 245 -17.55 22.46 -15.09
N ILE B 246 -18.82 22.30 -14.75
CA ILE B 246 -19.88 22.50 -15.73
C ILE B 246 -20.04 24.01 -15.82
N PRO B 247 -19.73 24.59 -16.98
CA PRO B 247 -19.81 26.03 -17.26
C PRO B 247 -20.88 26.79 -16.51
N LYS B 248 -20.43 27.72 -15.67
CA LYS B 248 -21.26 28.61 -14.85
C LYS B 248 -22.75 28.24 -14.79
N PRO B 249 -23.63 29.20 -14.51
CA PRO B 249 -25.03 28.79 -14.48
C PRO B 249 -25.58 28.49 -15.88
N LEU B 250 -24.99 27.51 -16.54
CA LEU B 250 -25.40 27.09 -17.89
C LEU B 250 -25.26 25.57 -17.94
N GLU B 251 -25.66 24.94 -16.84
CA GLU B 251 -25.63 23.50 -16.67
C GLU B 251 -27.04 22.95 -16.55
N SER B 252 -27.81 23.57 -15.67
CA SER B 252 -29.20 23.17 -15.45
C SER B 252 -30.02 23.65 -16.64
N VAL B 253 -29.68 23.13 -17.81
CA VAL B 253 -30.37 23.50 -19.04
C VAL B 253 -30.33 22.35 -20.04
N LYS B 254 -29.22 22.27 -20.76
CA LYS B 254 -29.01 21.26 -21.81
C LYS B 254 -29.71 19.92 -21.60
N SER B 255 -30.09 19.29 -22.71
CA SER B 255 -30.78 18.01 -22.72
C SER B 255 -29.79 16.84 -22.62
N ALA B 256 -28.59 17.16 -22.12
CA ALA B 256 -27.50 16.19 -21.94
C ALA B 256 -26.50 16.22 -23.09
N ASP B 257 -26.75 15.44 -24.12
CA ASP B 257 -25.86 15.40 -25.27
C ASP B 257 -25.69 16.81 -25.83
N GLU B 258 -26.60 17.70 -25.42
CA GLU B 258 -26.60 19.10 -25.83
C GLU B 258 -25.36 19.76 -25.20
N PHE B 259 -25.09 19.37 -23.96
CA PHE B 259 -23.95 19.89 -23.19
C PHE B 259 -22.66 19.85 -24.00
N LEU B 260 -22.25 18.66 -24.41
CA LEU B 260 -21.02 18.51 -25.18
C LEU B 260 -20.90 19.44 -26.37
N GLU B 261 -21.99 19.62 -27.11
CA GLU B 261 -21.97 20.47 -28.28
C GLU B 261 -21.88 21.96 -27.95
N LYS B 262 -22.34 22.33 -26.76
CA LYS B 262 -22.32 23.73 -26.33
C LYS B 262 -21.14 24.04 -25.40
N LEU B 263 -20.34 23.03 -25.07
CA LEU B 263 -19.21 23.22 -24.17
C LEU B 263 -18.08 24.04 -24.78
N SER B 264 -17.80 23.82 -26.06
CA SER B 264 -16.72 24.54 -26.72
C SER B 264 -16.88 26.06 -26.65
N ASP B 265 -18.02 26.51 -26.14
CA ASP B 265 -18.29 27.93 -26.01
C ASP B 265 -17.67 28.55 -24.75
N TYR B 266 -17.20 27.72 -23.83
CA TYR B 266 -16.62 28.24 -22.59
C TYR B 266 -15.17 27.85 -22.33
N ASP B 267 -14.49 27.36 -23.34
CA ASP B 267 -13.09 26.96 -23.16
C ASP B 267 -12.20 28.15 -22.82
N LYS B 268 -12.77 29.35 -22.84
CA LYS B 268 -12.01 30.56 -22.57
C LYS B 268 -11.41 30.67 -21.17
N ASP B 269 -12.24 30.60 -20.14
CA ASP B 269 -11.76 30.70 -18.77
C ASP B 269 -10.64 29.71 -18.45
N LEU B 270 -10.86 28.43 -18.75
CA LEU B 270 -9.87 27.40 -18.50
C LEU B 270 -8.65 27.57 -19.41
N THR B 271 -8.86 27.99 -20.65
CA THR B 271 -7.72 28.20 -21.55
C THR B 271 -6.81 29.27 -20.93
N GLN B 272 -7.43 30.28 -20.32
CA GLN B 272 -6.69 31.37 -19.67
C GLN B 272 -5.94 30.82 -18.48
N LEU B 273 -6.67 30.22 -17.55
CA LEU B 273 -6.06 29.63 -16.36
C LEU B 273 -4.93 28.72 -16.80
N LYS B 274 -5.21 27.86 -17.77
CA LYS B 274 -4.21 26.94 -18.30
C LYS B 274 -2.94 27.69 -18.66
N LYS B 275 -3.09 28.70 -19.53
CA LYS B 275 -1.95 29.50 -19.97
C LYS B 275 -1.17 30.08 -18.79
N GLU B 276 -1.89 30.71 -17.86
CA GLU B 276 -1.27 31.31 -16.69
C GLU B 276 -0.34 30.31 -15.97
N ALA B 277 -0.88 29.15 -15.62
CA ALA B 277 -0.12 28.13 -14.93
C ALA B 277 1.13 27.76 -15.73
N ALA B 278 0.97 27.59 -17.04
CA ALA B 278 2.09 27.26 -17.92
C ALA B 278 3.15 28.34 -17.83
N THR B 279 2.69 29.59 -17.79
CA THR B 279 3.56 30.75 -17.70
C THR B 279 4.41 30.66 -16.45
N GLU B 280 3.85 30.04 -15.41
CA GLU B 280 4.50 29.89 -14.12
C GLU B 280 5.21 28.54 -13.98
N ASN B 281 5.34 27.79 -15.07
CA ASN B 281 5.99 26.48 -15.02
C ASN B 281 5.20 25.53 -14.13
N LYS B 282 3.89 25.74 -14.05
CA LYS B 282 3.02 24.91 -13.24
C LYS B 282 2.01 24.23 -14.16
N VAL B 283 1.38 23.19 -13.63
CA VAL B 283 0.38 22.44 -14.38
C VAL B 283 -0.94 22.47 -13.59
N LEU B 284 -2.07 22.31 -14.28
CA LEU B 284 -3.36 22.31 -13.61
C LEU B 284 -3.83 20.89 -13.29
N ARG B 285 -4.38 20.70 -12.10
CA ARG B 285 -4.87 19.40 -11.67
C ARG B 285 -6.15 19.56 -10.85
N PHE B 286 -7.08 18.61 -10.96
CA PHE B 286 -8.32 18.64 -10.18
C PHE B 286 -8.07 17.77 -8.95
N ILE B 287 -8.13 18.37 -7.76
CA ILE B 287 -7.84 17.62 -6.55
C ILE B 287 -8.87 17.60 -5.42
N GLY B 288 -8.63 16.71 -4.47
CA GLY B 288 -9.47 16.58 -3.29
C GLY B 288 -8.54 16.98 -2.16
N LYS B 289 -9.06 17.62 -1.11
CA LYS B 289 -8.22 18.07 -0.01
C LYS B 289 -8.86 17.98 1.36
N VAL B 290 -8.07 17.56 2.36
CA VAL B 290 -8.54 17.44 3.74
C VAL B 290 -7.48 17.97 4.69
N ASP B 291 -7.91 18.79 5.63
CA ASP B 291 -7.01 19.37 6.63
C ASP B 291 -7.71 19.06 7.95
N VAL B 292 -7.11 18.18 8.73
CA VAL B 292 -7.69 17.75 10.00
C VAL B 292 -7.66 18.78 11.13
N ALA B 293 -6.57 19.53 11.22
CA ALA B 293 -6.46 20.53 12.28
C ALA B 293 -7.61 21.53 12.17
N THR B 294 -7.83 22.07 10.97
CA THR B 294 -8.90 23.03 10.73
C THR B 294 -10.20 22.37 10.29
N LYS B 295 -10.22 21.03 10.31
CA LYS B 295 -11.41 20.29 9.91
C LYS B 295 -11.92 20.78 8.55
N SER B 296 -10.99 21.12 7.65
CA SER B 296 -11.37 21.62 6.34
C SER B 296 -11.15 20.62 5.22
N VAL B 297 -12.20 20.41 4.44
CA VAL B 297 -12.19 19.49 3.32
C VAL B 297 -12.68 20.25 2.09
N SER B 298 -12.13 19.92 0.92
CA SER B 298 -12.56 20.58 -0.31
C SER B 298 -11.98 19.91 -1.56
N VAL B 299 -12.54 20.23 -2.72
CA VAL B 299 -12.08 19.68 -3.99
C VAL B 299 -12.14 20.79 -5.04
N GLY B 300 -11.26 20.70 -6.03
CA GLY B 300 -11.24 21.72 -7.06
C GLY B 300 -9.86 21.79 -7.67
N ILE B 301 -9.67 22.69 -8.63
CA ILE B 301 -8.40 22.84 -9.32
C ILE B 301 -7.31 23.49 -8.50
N GLU B 302 -6.08 23.00 -8.67
CA GLU B 302 -4.91 23.53 -7.99
C GLU B 302 -3.74 23.44 -8.96
N LYS B 303 -2.73 24.28 -8.77
CA LYS B 303 -1.57 24.29 -9.65
C LYS B 303 -0.40 23.56 -9.01
N TYR B 304 0.40 22.87 -9.82
CA TYR B 304 1.54 22.13 -9.30
C TYR B 304 2.75 22.28 -10.20
N ASP B 305 3.92 22.44 -9.59
CA ASP B 305 5.14 22.58 -10.36
C ASP B 305 5.46 21.31 -11.14
N TYR B 306 6.04 21.47 -12.32
CA TYR B 306 6.39 20.35 -13.18
C TYR B 306 7.09 19.18 -12.49
N SER B 307 7.84 19.44 -11.43
CA SER B 307 8.54 18.37 -10.71
C SER B 307 7.69 17.78 -9.60
N HIS B 308 6.48 18.29 -9.43
CA HIS B 308 5.61 17.78 -8.37
C HIS B 308 4.96 16.47 -8.79
N PRO B 309 4.91 15.49 -7.87
CA PRO B 309 4.32 14.18 -8.13
C PRO B 309 2.96 14.22 -8.81
N PHE B 310 2.17 15.27 -8.56
CA PHE B 310 0.86 15.39 -9.17
C PHE B 310 0.95 15.81 -10.63
N ALA B 311 2.18 16.02 -11.09
CA ALA B 311 2.45 16.41 -12.46
C ALA B 311 3.06 15.24 -13.22
N SER B 312 3.16 14.08 -12.58
CA SER B 312 3.77 12.91 -13.21
C SER B 312 2.77 11.81 -13.52
N LEU B 313 1.48 12.10 -13.31
CA LEU B 313 0.45 11.09 -13.55
C LEU B 313 0.24 10.76 -15.02
N LYS B 314 -0.15 9.51 -15.27
CA LYS B 314 -0.39 9.05 -16.62
C LYS B 314 -1.83 8.63 -16.79
N GLY B 315 -2.40 8.96 -17.95
CA GLY B 315 -3.77 8.60 -18.25
C GLY B 315 -4.75 8.71 -17.11
N SER B 316 -5.33 7.57 -16.73
CA SER B 316 -6.31 7.52 -15.67
C SER B 316 -5.74 7.40 -14.25
N ASP B 317 -4.42 7.60 -14.11
CA ASP B 317 -3.77 7.52 -12.80
C ASP B 317 -4.34 8.54 -11.83
N ASN B 318 -4.18 8.28 -10.55
CA ASN B 318 -4.56 9.24 -9.55
C ASN B 318 -3.60 9.10 -8.38
N VAL B 319 -3.59 10.04 -7.44
CA VAL B 319 -2.63 9.99 -6.34
C VAL B 319 -3.16 10.53 -5.04
N ILE B 320 -2.50 10.14 -3.96
CA ILE B 320 -2.87 10.66 -2.65
C ILE B 320 -1.58 10.98 -1.88
N SER B 321 -1.53 12.17 -1.30
CA SER B 321 -0.39 12.64 -0.53
C SER B 321 -0.81 12.70 0.94
N ILE B 322 -0.14 11.91 1.77
CA ILE B 322 -0.48 11.83 3.18
C ILE B 322 0.57 12.34 4.16
N LYS B 323 0.25 13.43 4.86
CA LYS B 323 1.17 13.96 5.88
C LYS B 323 0.60 13.50 7.22
N THR B 324 1.43 12.86 8.03
CA THR B 324 0.97 12.39 9.33
C THR B 324 1.96 12.83 10.40
N LYS B 325 1.61 12.62 11.66
CA LYS B 325 2.48 12.98 12.77
C LYS B 325 3.86 12.38 12.57
N ARG B 326 3.92 11.12 12.13
CA ARG B 326 5.18 10.44 11.91
C ARG B 326 5.79 10.72 10.55
N TYR B 327 4.96 10.98 9.55
CA TYR B 327 5.47 11.27 8.21
C TYR B 327 5.37 12.75 7.93
N THR B 328 6.34 13.51 8.43
CA THR B 328 6.37 14.96 8.24
C THR B 328 6.40 15.26 6.76
N ASN B 329 7.12 14.43 6.01
CA ASN B 329 7.17 14.55 4.57
C ASN B 329 6.10 13.54 4.17
N PRO B 330 5.22 13.90 3.24
CA PRO B 330 4.14 13.00 2.82
C PRO B 330 4.58 11.71 2.15
N VAL B 331 3.80 10.65 2.34
CA VAL B 331 4.10 9.41 1.63
C VAL B 331 3.15 9.65 0.46
N VAL B 332 3.61 9.38 -0.75
CA VAL B 332 2.78 9.61 -1.91
C VAL B 332 2.57 8.30 -2.67
N ILE B 333 1.29 7.94 -2.83
CA ILE B 333 0.89 6.72 -3.51
C ILE B 333 0.20 7.05 -4.83
N GLN B 334 0.76 6.60 -5.96
CA GLN B 334 0.14 6.84 -7.25
C GLN B 334 0.06 5.60 -8.13
N GLY B 335 -0.83 5.63 -9.11
CA GLY B 335 -1.01 4.50 -10.00
C GLY B 335 -2.45 4.46 -10.46
N ALA B 336 -2.77 3.58 -11.41
CA ALA B 336 -4.11 3.49 -11.96
C ALA B 336 -5.17 3.54 -10.87
N GLY B 337 -6.11 4.46 -11.02
CA GLY B 337 -7.16 4.59 -10.03
C GLY B 337 -8.52 4.26 -10.62
N ALA B 338 -8.50 3.58 -11.76
CA ALA B 338 -9.69 3.16 -12.48
C ALA B 338 -9.32 1.99 -13.39
N GLY B 339 -10.32 1.26 -13.87
CA GLY B 339 -10.04 0.13 -14.74
C GLY B 339 -10.50 -1.20 -14.17
N ALA B 340 -11.21 -1.97 -14.99
CA ALA B 340 -11.72 -3.28 -14.59
C ALA B 340 -10.80 -4.15 -13.75
N ALA B 341 -9.72 -4.64 -14.37
CA ALA B 341 -8.78 -5.52 -13.71
C ALA B 341 -8.23 -5.04 -12.36
N VAL B 342 -7.63 -3.86 -12.36
CA VAL B 342 -7.05 -3.27 -11.15
C VAL B 342 -8.10 -3.01 -10.06
N THR B 343 -9.31 -2.65 -10.44
CA THR B 343 -10.33 -2.40 -9.45
C THR B 343 -10.76 -3.73 -8.87
N ALA B 344 -11.10 -4.68 -9.74
CA ALA B 344 -11.52 -6.00 -9.32
C ALA B 344 -10.45 -6.60 -8.39
N ALA B 345 -9.19 -6.34 -8.71
CA ALA B 345 -8.10 -6.86 -7.89
C ALA B 345 -8.15 -6.22 -6.50
N GLY B 346 -8.63 -4.97 -6.44
CA GLY B 346 -8.73 -4.28 -5.17
C GLY B 346 -9.82 -4.90 -4.32
N VAL B 347 -10.94 -5.22 -4.94
CA VAL B 347 -12.06 -5.84 -4.25
C VAL B 347 -11.67 -7.24 -3.77
N LEU B 348 -11.06 -8.03 -4.65
CA LEU B 348 -10.63 -9.39 -4.28
C LEU B 348 -9.62 -9.28 -3.15
N GLY B 349 -8.82 -8.22 -3.21
CA GLY B 349 -7.84 -7.98 -2.16
C GLY B 349 -8.55 -7.88 -0.81
N ASP B 350 -9.73 -7.26 -0.80
CA ASP B 350 -10.48 -7.14 0.43
C ASP B 350 -11.12 -8.48 0.75
N VAL B 351 -11.63 -9.18 -0.25
CA VAL B 351 -12.27 -10.48 -0.01
C VAL B 351 -11.26 -11.39 0.69
N ILE B 352 -9.99 -11.29 0.29
CA ILE B 352 -8.95 -12.09 0.91
C ILE B 352 -8.69 -11.64 2.37
N LYS B 353 -8.66 -10.33 2.63
CA LYS B 353 -8.45 -9.86 3.99
C LYS B 353 -9.56 -10.39 4.91
N ILE B 354 -10.80 -10.25 4.45
CA ILE B 354 -11.95 -10.71 5.22
C ILE B 354 -11.88 -12.22 5.48
N ALA B 355 -11.60 -12.99 4.43
CA ALA B 355 -11.51 -14.43 4.57
C ALA B 355 -10.51 -14.85 5.64
N GLN B 356 -9.36 -14.20 5.65
CA GLN B 356 -8.32 -14.51 6.62
C GLN B 356 -8.72 -14.11 8.02
N ARG B 357 -9.56 -13.09 8.12
CA ARG B 357 -10.02 -12.58 9.42
C ARG B 357 -11.19 -13.39 9.97
N LEU B 358 -11.87 -14.14 9.11
CA LEU B 358 -13.00 -14.96 9.53
C LEU B 358 -12.58 -16.32 10.08
NA NA C . 7.54 -1.62 3.63
PA NAD D . 19.63 -2.00 17.32
O1A NAD D . 21.03 -2.54 17.36
O2A NAD D . 19.38 -0.62 17.82
O5B NAD D . 18.67 -3.00 18.15
C5B NAD D . 18.83 -4.43 18.05
C4B NAD D . 18.42 -5.07 19.37
O4B NAD D . 18.58 -6.48 19.17
C3B NAD D . 19.31 -4.74 20.61
O3B NAD D . 18.47 -4.36 21.72
C2B NAD D . 20.10 -6.04 20.80
O2B NAD D . 20.51 -6.22 22.19
C1B NAD D . 19.07 -7.04 20.35
N9A NAD D . 19.60 -8.35 20.03
C8A NAD D . 20.56 -8.65 19.12
N7A NAD D . 20.79 -9.95 19.00
C5A NAD D . 19.92 -10.51 19.91
C6A NAD D . 19.68 -11.87 20.24
N6A NAD D . 20.30 -12.91 19.75
N1A NAD D . 18.79 -12.10 21.27
C2A NAD D . 18.08 -11.02 21.75
N3A NAD D . 18.22 -9.73 21.49
C4A NAD D . 19.16 -9.54 20.54
O3 NAD D . 19.05 -2.09 15.88
PN NAD D . 17.69 -1.38 15.26
O1N NAD D . 18.08 -0.05 14.74
O2N NAD D . 16.70 -1.27 16.36
O5D NAD D . 17.37 -2.32 14.04
C5D NAD D . 16.26 -3.19 14.21
C4D NAD D . 16.03 -3.92 12.94
O4D NAD D . 15.36 -2.96 12.06
C3D NAD D . 17.20 -4.41 12.14
O3D NAD D . 16.75 -5.59 11.48
C2D NAD D . 17.43 -3.24 11.16
O2D NAD D . 18.15 -3.68 9.99
C1D NAD D . 16.04 -2.88 10.84
N1N NAD D . 15.86 -1.55 10.27
C2N NAD D . 16.45 -0.40 10.80
C3N NAD D . 16.14 0.96 10.25
C7N NAD D . 16.77 2.09 10.95
O7N NAD D . 16.51 3.28 10.54
N7N NAD D . 17.63 1.90 12.02
C4N NAD D . 15.26 1.09 9.01
C5N NAD D . 14.75 -0.23 8.52
C6N NAD D . 15.02 -1.41 9.11
NA NA E . -7.82 1.77 -3.15
#